data_2LSM
#
_entry.id   2LSM
#
_entity_poly.entity_id   1
_entity_poly.type   'polypeptide(L)'
_entity_poly.pdbx_seq_one_letter_code
;PDTVILDTSELVTVVALVKLHTDALHATRDEPVAFVLPGTAFRVSAGVAAEMTERGLARMQ
;
_entity_poly.pdbx_strand_id   A
#
# COMPACT_ATOMS: atom_id res chain seq x y z
N PRO A 1 -10.94 22.71 5.09
CA PRO A 1 -10.51 22.20 3.78
C PRO A 1 -11.65 21.57 3.00
N ASP A 2 -11.33 20.95 1.87
CA ASP A 2 -12.33 20.31 1.03
C ASP A 2 -11.68 19.30 0.08
N THR A 3 -10.53 18.78 0.47
CA THR A 3 -9.81 17.82 -0.33
C THR A 3 -9.79 16.45 0.33
N VAL A 4 -9.35 16.40 1.58
CA VAL A 4 -9.28 15.15 2.33
C VAL A 4 -8.38 14.15 1.65
N ILE A 5 -7.19 14.60 1.25
CA ILE A 5 -6.22 13.74 0.59
C ILE A 5 -4.85 13.82 1.25
N LEU A 6 -4.43 12.72 1.87
CA LEU A 6 -3.14 12.67 2.55
C LEU A 6 -2.04 12.25 1.58
N ASP A 7 -1.29 13.23 1.09
CA ASP A 7 -0.20 12.95 0.16
C ASP A 7 1.03 13.78 0.52
N THR A 8 2.05 13.11 1.04
CA THR A 8 3.29 13.79 1.42
C THR A 8 4.46 13.29 0.59
N SER A 9 4.17 12.69 -0.55
CA SER A 9 5.20 12.17 -1.44
C SER A 9 6.11 11.19 -0.69
N GLU A 10 5.52 10.42 0.22
CA GLU A 10 6.27 9.46 1.00
C GLU A 10 5.68 8.05 0.85
N LEU A 11 5.89 7.47 -0.33
CA LEU A 11 5.38 6.12 -0.61
C LEU A 11 6.07 5.08 0.27
N VAL A 12 5.34 4.03 0.60
CA VAL A 12 5.89 2.96 1.43
C VAL A 12 5.86 1.62 0.69
N THR A 13 6.96 0.89 0.77
CA THR A 13 7.08 -0.40 0.10
C THR A 13 6.45 -1.50 0.95
N VAL A 14 5.49 -2.21 0.36
CA VAL A 14 4.81 -3.30 1.06
C VAL A 14 4.47 -4.44 0.10
N VAL A 15 4.79 -5.66 0.51
CA VAL A 15 4.52 -6.84 -0.30
C VAL A 15 3.42 -7.70 0.31
N ALA A 16 2.44 -8.08 -0.50
CA ALA A 16 1.33 -8.90 -0.04
C ALA A 16 1.80 -10.32 0.27
N LEU A 17 1.23 -10.90 1.33
CA LEU A 17 1.59 -12.25 1.74
C LEU A 17 0.54 -13.25 1.26
N VAL A 18 -0.66 -12.77 0.97
CA VAL A 18 -1.74 -13.61 0.51
C VAL A 18 -2.57 -12.91 -0.56
N LYS A 19 -3.26 -13.70 -1.39
CA LYS A 19 -4.09 -13.16 -2.44
C LYS A 19 -5.08 -12.14 -1.89
N LEU A 20 -4.79 -10.86 -2.08
CA LEU A 20 -5.65 -9.78 -1.60
C LEU A 20 -5.78 -8.68 -2.65
N HIS A 21 -6.98 -8.11 -2.74
CA HIS A 21 -7.24 -7.04 -3.70
C HIS A 21 -7.12 -5.67 -3.03
N THR A 22 -6.02 -4.97 -3.31
CA THR A 22 -5.80 -3.65 -2.73
C THR A 22 -5.91 -2.56 -3.79
N ASP A 23 -6.40 -1.40 -3.38
CA ASP A 23 -6.56 -0.27 -4.29
C ASP A 23 -5.55 0.82 -3.99
N ALA A 24 -4.38 0.74 -4.62
CA ALA A 24 -3.32 1.72 -4.41
C ALA A 24 -2.80 2.23 -5.74
N LEU A 25 -2.88 3.55 -5.95
CA LEU A 25 -2.41 4.17 -7.19
C LEU A 25 -1.02 4.77 -7.00
N HIS A 26 -0.08 4.31 -7.81
CA HIS A 26 1.30 4.81 -7.73
C HIS A 26 1.33 6.33 -7.79
N ALA A 27 1.94 6.95 -6.79
CA ALA A 27 2.06 8.40 -6.72
C ALA A 27 3.33 8.89 -7.41
N THR A 28 4.45 8.24 -7.10
CA THR A 28 5.73 8.61 -7.68
C THR A 28 5.89 8.01 -9.07
N ARG A 29 5.30 6.84 -9.28
CA ARG A 29 5.40 6.16 -10.56
C ARG A 29 4.04 6.15 -11.28
N ASP A 30 3.99 5.51 -12.44
CA ASP A 30 2.75 5.43 -13.21
C ASP A 30 2.29 3.99 -13.35
N GLU A 31 1.64 3.46 -12.32
CA GLU A 31 1.16 2.09 -12.35
C GLU A 31 0.16 1.86 -11.22
N PRO A 32 -1.14 1.81 -11.57
CA PRO A 32 -2.22 1.59 -10.62
C PRO A 32 -2.23 0.17 -10.06
N VAL A 33 -2.77 0.01 -8.86
CA VAL A 33 -2.84 -1.30 -8.22
C VAL A 33 -4.27 -1.62 -7.79
N ALA A 34 -4.83 -2.68 -8.38
CA ALA A 34 -6.19 -3.10 -8.06
C ALA A 34 -6.19 -4.47 -7.37
N PHE A 35 -5.13 -5.23 -7.58
CA PHE A 35 -5.01 -6.56 -6.98
C PHE A 35 -3.55 -6.99 -6.92
N VAL A 36 -3.12 -7.44 -5.75
CA VAL A 36 -1.75 -7.90 -5.56
C VAL A 36 -1.70 -9.38 -5.23
N LEU A 37 -0.54 -10.00 -5.45
CA LEU A 37 -0.37 -11.42 -5.18
C LEU A 37 0.63 -11.64 -4.04
N PRO A 38 0.61 -12.84 -3.46
CA PRO A 38 1.51 -13.20 -2.36
C PRO A 38 2.96 -13.34 -2.80
N GLY A 39 3.67 -12.21 -2.82
CA GLY A 39 5.07 -12.23 -3.23
C GLY A 39 5.45 -10.99 -4.03
N THR A 40 4.45 -10.18 -4.36
CA THR A 40 4.69 -8.95 -5.12
C THR A 40 4.80 -7.74 -4.21
N ALA A 41 5.80 -6.91 -4.45
CA ALA A 41 6.02 -5.71 -3.64
C ALA A 41 5.39 -4.49 -4.31
N PHE A 42 4.37 -3.93 -3.68
CA PHE A 42 3.69 -2.75 -4.21
C PHE A 42 3.82 -1.58 -3.25
N ARG A 43 4.00 -0.38 -3.81
CA ARG A 43 4.14 0.82 -3.01
C ARG A 43 2.78 1.47 -2.77
N VAL A 44 2.55 1.90 -1.54
CA VAL A 44 1.28 2.55 -1.18
C VAL A 44 1.51 3.75 -0.28
N SER A 45 0.44 4.44 0.09
CA SER A 45 0.52 5.61 0.94
C SER A 45 0.90 5.22 2.37
N ALA A 46 1.42 6.18 3.13
CA ALA A 46 1.82 5.94 4.51
C ALA A 46 0.62 5.53 5.36
N GLY A 47 -0.55 6.08 5.04
CA GLY A 47 -1.74 5.76 5.79
C GLY A 47 -2.35 4.44 5.37
N VAL A 48 -2.26 4.12 4.09
CA VAL A 48 -2.80 2.87 3.57
C VAL A 48 -2.06 1.66 4.12
N ALA A 49 -0.74 1.71 4.04
CA ALA A 49 0.11 0.62 4.54
C ALA A 49 -0.26 0.28 5.98
N ALA A 50 -0.57 1.30 6.77
CA ALA A 50 -0.94 1.09 8.17
C ALA A 50 -2.04 0.04 8.31
N GLU A 51 -3.03 0.12 7.42
CA GLU A 51 -4.15 -0.83 7.44
C GLU A 51 -3.72 -2.18 6.87
N MET A 52 -2.93 -2.13 5.80
CA MET A 52 -2.46 -3.35 5.15
C MET A 52 -1.72 -4.25 6.15
N THR A 53 -0.71 -3.68 6.81
CA THR A 53 0.07 -4.42 7.79
C THR A 53 -0.77 -4.80 9.00
N GLU A 54 -1.77 -3.98 9.30
CA GLU A 54 -2.65 -4.23 10.44
C GLU A 54 -3.66 -5.33 10.12
N ARG A 55 -3.89 -5.54 8.83
CA ARG A 55 -4.83 -6.57 8.39
C ARG A 55 -4.21 -7.96 8.49
N GLY A 56 -2.88 -8.02 8.42
CA GLY A 56 -2.18 -9.29 8.50
C GLY A 56 -2.17 -10.02 7.17
N LEU A 57 -2.42 -9.30 6.10
CA LEU A 57 -2.43 -9.89 4.76
C LEU A 57 -1.21 -9.46 3.97
N ALA A 58 -0.63 -8.32 4.34
CA ALA A 58 0.56 -7.81 3.67
C ALA A 58 1.61 -7.37 4.68
N ARG A 59 2.87 -7.44 4.27
CA ARG A 59 3.97 -7.05 5.14
C ARG A 59 4.90 -6.06 4.43
N MET A 60 5.46 -5.14 5.21
CA MET A 60 6.37 -4.13 4.67
C MET A 60 7.70 -4.75 4.28
N GLN A 61 8.06 -4.62 3.00
CA GLN A 61 9.31 -5.17 2.50
C GLN A 61 10.51 -4.45 3.12
N PRO A 1 -5.04 20.01 15.11
CA PRO A 1 -5.24 18.57 15.31
C PRO A 1 -4.40 18.02 16.46
N ASP A 2 -4.37 16.70 16.59
CA ASP A 2 -3.61 16.05 17.65
C ASP A 2 -2.28 15.53 17.13
N THR A 3 -2.23 15.27 15.82
CA THR A 3 -1.02 14.76 15.20
C THR A 3 -0.17 15.90 14.63
N VAL A 4 -0.79 16.76 13.85
CA VAL A 4 -0.10 17.90 13.25
C VAL A 4 1.02 17.44 12.33
N ILE A 5 0.73 16.44 11.50
CA ILE A 5 1.71 15.90 10.57
C ILE A 5 1.14 15.83 9.15
N LEU A 6 1.67 16.66 8.27
CA LEU A 6 1.23 16.68 6.87
C LEU A 6 2.28 16.08 5.95
N ASP A 7 1.86 15.08 5.17
CA ASP A 7 2.77 14.42 4.25
C ASP A 7 2.00 13.84 3.06
N THR A 8 2.29 14.32 1.87
CA THR A 8 1.62 13.85 0.66
C THR A 8 2.63 13.38 -0.38
N SER A 9 3.85 13.07 0.08
CA SER A 9 4.91 12.62 -0.82
C SER A 9 5.86 11.67 -0.09
N GLU A 10 5.37 10.48 0.24
CA GLU A 10 6.18 9.50 0.94
C GLU A 10 5.59 8.10 0.77
N LEU A 11 5.88 7.47 -0.36
CA LEU A 11 5.37 6.13 -0.64
C LEU A 11 6.07 5.09 0.24
N VAL A 12 5.35 4.03 0.56
CA VAL A 12 5.90 2.96 1.39
C VAL A 12 5.87 1.62 0.66
N THR A 13 6.98 0.89 0.73
CA THR A 13 7.08 -0.41 0.08
C THR A 13 6.45 -1.51 0.92
N VAL A 14 5.49 -2.22 0.34
CA VAL A 14 4.81 -3.30 1.04
C VAL A 14 4.46 -4.44 0.09
N VAL A 15 4.79 -5.67 0.50
CA VAL A 15 4.52 -6.84 -0.31
C VAL A 15 3.41 -7.69 0.31
N ALA A 16 2.43 -8.09 -0.50
CA ALA A 16 1.33 -8.90 -0.03
C ALA A 16 1.78 -10.32 0.28
N LEU A 17 1.22 -10.90 1.34
CA LEU A 17 1.57 -12.25 1.75
C LEU A 17 0.53 -13.25 1.29
N VAL A 18 -0.67 -12.75 1.00
CA VAL A 18 -1.76 -13.60 0.53
C VAL A 18 -2.59 -12.91 -0.54
N LYS A 19 -3.27 -13.69 -1.36
CA LYS A 19 -4.10 -13.15 -2.43
C LYS A 19 -5.10 -12.14 -1.87
N LEU A 20 -4.80 -10.86 -2.07
CA LEU A 20 -5.66 -9.78 -1.60
C LEU A 20 -5.79 -8.68 -2.65
N HIS A 21 -6.99 -8.10 -2.74
CA HIS A 21 -7.24 -7.04 -3.70
C HIS A 21 -7.12 -5.67 -3.04
N THR A 22 -6.03 -4.98 -3.32
CA THR A 22 -5.80 -3.65 -2.74
C THR A 22 -5.91 -2.56 -3.80
N ASP A 23 -6.40 -1.40 -3.40
CA ASP A 23 -6.56 -0.28 -4.32
C ASP A 23 -5.55 0.82 -4.01
N ALA A 24 -4.38 0.73 -4.64
CA ALA A 24 -3.33 1.71 -4.44
C ALA A 24 -2.79 2.23 -5.77
N LEU A 25 -2.88 3.54 -5.98
CA LEU A 25 -2.40 4.15 -7.21
C LEU A 25 -1.01 4.75 -7.02
N HIS A 26 -0.06 4.30 -7.83
CA HIS A 26 1.31 4.79 -7.76
C HIS A 26 1.34 6.32 -7.81
N ALA A 27 1.98 6.92 -6.81
CA ALA A 27 2.08 8.38 -6.76
C ALA A 27 3.36 8.86 -7.43
N THR A 28 4.47 8.21 -7.13
CA THR A 28 5.75 8.58 -7.71
C THR A 28 5.92 7.97 -9.10
N ARG A 29 5.32 6.81 -9.31
CA ARG A 29 5.41 6.12 -10.59
C ARG A 29 4.06 6.12 -11.30
N ASP A 30 4.00 5.48 -12.46
CA ASP A 30 2.77 5.40 -13.23
C ASP A 30 2.31 3.95 -13.38
N GLU A 31 1.67 3.43 -12.34
CA GLU A 31 1.18 2.06 -12.36
C GLU A 31 0.17 1.83 -11.23
N PRO A 32 -1.12 1.79 -11.60
CA PRO A 32 -2.21 1.57 -10.64
C PRO A 32 -2.22 0.15 -10.08
N VAL A 33 -2.77 -0.01 -8.88
CA VAL A 33 -2.85 -1.31 -8.24
C VAL A 33 -4.27 -1.63 -7.82
N ALA A 34 -4.83 -2.70 -8.39
CA ALA A 34 -6.18 -3.12 -8.07
C ALA A 34 -6.19 -4.48 -7.38
N PHE A 35 -5.13 -5.24 -7.59
CA PHE A 35 -5.01 -6.57 -6.98
C PHE A 35 -3.55 -7.01 -6.93
N VAL A 36 -3.12 -7.45 -5.75
CA VAL A 36 -1.75 -7.91 -5.55
C VAL A 36 -1.70 -9.40 -5.22
N LEU A 37 -0.54 -10.01 -5.44
CA LEU A 37 -0.37 -11.43 -5.16
C LEU A 37 0.62 -11.65 -4.02
N PRO A 38 0.60 -12.85 -3.43
CA PRO A 38 1.49 -13.21 -2.33
C PRO A 38 2.94 -13.35 -2.77
N GLY A 39 3.65 -12.22 -2.80
CA GLY A 39 5.05 -12.24 -3.21
C GLY A 39 5.43 -11.01 -4.01
N THR A 40 4.43 -10.19 -4.35
CA THR A 40 4.68 -8.97 -5.11
C THR A 40 4.79 -7.76 -4.20
N ALA A 41 5.79 -6.93 -4.45
CA ALA A 41 6.02 -5.73 -3.66
C ALA A 41 5.38 -4.51 -4.32
N PHE A 42 4.37 -3.94 -3.69
CA PHE A 42 3.68 -2.78 -4.22
C PHE A 42 3.81 -1.59 -3.27
N ARG A 43 4.00 -0.40 -3.83
CA ARG A 43 4.14 0.81 -3.03
C ARG A 43 2.79 1.47 -2.80
N VAL A 44 2.55 1.90 -1.56
CA VAL A 44 1.30 2.53 -1.20
C VAL A 44 1.52 3.74 -0.31
N SER A 45 0.44 4.43 0.06
CA SER A 45 0.53 5.61 0.91
C SER A 45 0.91 5.21 2.34
N ALA A 46 1.43 6.18 3.10
CA ALA A 46 1.83 5.95 4.48
C ALA A 46 0.64 5.54 5.33
N GLY A 47 -0.53 6.08 5.00
CA GLY A 47 -1.73 5.76 5.75
C GLY A 47 -2.34 4.44 5.34
N VAL A 48 -2.24 4.11 4.06
CA VAL A 48 -2.78 2.86 3.53
C VAL A 48 -2.04 1.67 4.10
N ALA A 49 -0.71 1.71 4.02
CA ALA A 49 0.13 0.63 4.52
C ALA A 49 -0.23 0.27 5.96
N ALA A 50 -0.52 1.30 6.76
CA ALA A 50 -0.87 1.10 8.16
C ALA A 50 -2.00 0.08 8.29
N GLU A 51 -2.98 0.15 7.38
CA GLU A 51 -4.11 -0.76 7.41
C GLU A 51 -3.71 -2.13 6.87
N MET A 52 -2.94 -2.13 5.79
CA MET A 52 -2.48 -3.38 5.18
C MET A 52 -1.74 -4.25 6.19
N THR A 53 -0.72 -3.67 6.82
CA THR A 53 0.07 -4.40 7.82
C THR A 53 -0.78 -4.75 9.04
N GLU A 54 -1.78 -3.93 9.33
CA GLU A 54 -2.67 -4.17 10.46
C GLU A 54 -3.66 -5.28 10.15
N ARG A 55 -3.92 -5.49 8.87
CA ARG A 55 -4.86 -6.52 8.45
C ARG A 55 -4.22 -7.92 8.54
N GLY A 56 -2.89 -7.96 8.43
CA GLY A 56 -2.19 -9.22 8.51
C GLY A 56 -2.17 -9.96 7.19
N LEU A 57 -2.42 -9.24 6.10
CA LEU A 57 -2.45 -9.84 4.78
C LEU A 57 -1.21 -9.43 3.98
N ALA A 58 -0.64 -8.29 4.32
CA ALA A 58 0.56 -7.79 3.65
C ALA A 58 1.62 -7.35 4.66
N ARG A 59 2.88 -7.44 4.26
CA ARG A 59 3.99 -7.06 5.12
C ARG A 59 4.95 -6.12 4.40
N MET A 60 5.57 -5.22 5.15
CA MET A 60 6.51 -4.26 4.58
C MET A 60 7.79 -4.97 4.12
N GLN A 61 8.20 -4.69 2.89
CA GLN A 61 9.40 -5.30 2.33
C GLN A 61 10.62 -4.99 3.20
N PRO A 1 -12.79 11.27 10.92
CA PRO A 1 -12.47 11.98 9.68
C PRO A 1 -13.73 12.44 8.94
N ASP A 2 -13.64 13.61 8.31
CA ASP A 2 -14.76 14.16 7.57
C ASP A 2 -14.28 15.21 6.56
N THR A 3 -13.02 15.09 6.15
CA THR A 3 -12.46 16.04 5.19
C THR A 3 -12.08 15.33 3.89
N VAL A 4 -11.52 14.13 4.01
CA VAL A 4 -11.11 13.37 2.84
C VAL A 4 -10.13 14.14 1.97
N ILE A 5 -8.97 14.46 2.55
CA ILE A 5 -7.95 15.20 1.83
C ILE A 5 -6.55 14.81 2.30
N LEU A 6 -5.79 14.18 1.40
CA LEU A 6 -4.44 13.74 1.72
C LEU A 6 -3.41 14.58 0.96
N ASP A 7 -2.46 15.13 1.70
CA ASP A 7 -1.42 15.96 1.10
C ASP A 7 -0.04 15.55 1.63
N THR A 8 0.53 14.51 1.04
CA THR A 8 1.84 14.01 1.45
C THR A 8 2.61 13.46 0.26
N SER A 9 3.87 13.10 0.48
CA SER A 9 4.71 12.56 -0.57
C SER A 9 5.73 11.58 0.00
N GLU A 10 5.24 10.53 0.66
CA GLU A 10 6.11 9.52 1.26
C GLU A 10 5.54 8.12 1.05
N LEU A 11 5.78 7.55 -0.12
CA LEU A 11 5.29 6.21 -0.46
C LEU A 11 5.98 5.16 0.41
N VAL A 12 5.25 4.09 0.71
CA VAL A 12 5.80 3.01 1.52
C VAL A 12 5.79 1.69 0.75
N THR A 13 6.91 0.97 0.81
CA THR A 13 7.03 -0.30 0.12
C THR A 13 6.42 -1.43 0.95
N VAL A 14 5.39 -2.07 0.40
CA VAL A 14 4.73 -3.17 1.09
C VAL A 14 4.41 -4.31 0.12
N VAL A 15 4.76 -5.53 0.54
CA VAL A 15 4.51 -6.71 -0.29
C VAL A 15 3.43 -7.60 0.33
N ALA A 16 2.46 -7.98 -0.48
CA ALA A 16 1.36 -8.83 -0.02
C ALA A 16 1.86 -10.24 0.27
N LEU A 17 1.35 -10.84 1.34
CA LEU A 17 1.73 -12.19 1.72
C LEU A 17 0.70 -13.21 1.26
N VAL A 18 -0.52 -12.74 1.00
CA VAL A 18 -1.60 -13.60 0.56
C VAL A 18 -2.45 -12.92 -0.51
N LYS A 19 -3.11 -13.73 -1.34
CA LYS A 19 -3.96 -13.20 -2.40
C LYS A 19 -4.97 -12.20 -1.84
N LEU A 20 -4.70 -10.91 -2.05
CA LEU A 20 -5.59 -9.85 -1.57
C LEU A 20 -5.75 -8.76 -2.63
N HIS A 21 -6.96 -8.21 -2.71
CA HIS A 21 -7.25 -7.15 -3.67
C HIS A 21 -7.15 -5.78 -3.02
N THR A 22 -6.07 -5.06 -3.30
CA THR A 22 -5.85 -3.73 -2.74
C THR A 22 -6.00 -2.66 -3.80
N ASP A 23 -6.55 -1.51 -3.40
CA ASP A 23 -6.75 -0.40 -4.33
C ASP A 23 -5.72 0.71 -4.07
N ALA A 24 -4.58 0.61 -4.74
CA ALA A 24 -3.52 1.60 -4.58
C ALA A 24 -3.25 2.34 -5.89
N LEU A 25 -2.31 3.26 -5.86
CA LEU A 25 -1.95 4.04 -7.05
C LEU A 25 -0.50 4.53 -6.97
N HIS A 26 0.26 4.24 -8.01
CA HIS A 26 1.66 4.66 -8.06
C HIS A 26 1.77 6.18 -8.13
N ALA A 27 2.31 6.77 -7.07
CA ALA A 27 2.47 8.21 -7.00
C ALA A 27 3.70 8.67 -7.80
N THR A 28 4.82 7.97 -7.59
CA THR A 28 6.06 8.30 -8.28
C THR A 28 6.04 7.78 -9.71
N ARG A 29 5.41 6.62 -9.91
CA ARG A 29 5.32 6.01 -11.24
C ARG A 29 3.89 6.06 -11.76
N ASP A 30 3.68 5.46 -12.92
CA ASP A 30 2.36 5.43 -13.55
C ASP A 30 1.84 4.00 -13.68
N GLU A 31 1.30 3.47 -12.58
CA GLU A 31 0.79 2.11 -12.57
C GLU A 31 -0.11 1.87 -11.36
N PRO A 32 -1.43 1.88 -11.59
CA PRO A 32 -2.41 1.68 -10.52
C PRO A 32 -2.42 0.23 -10.01
N VAL A 33 -2.90 0.05 -8.78
CA VAL A 33 -2.95 -1.28 -8.17
C VAL A 33 -4.37 -1.63 -7.76
N ALA A 34 -4.90 -2.71 -8.34
CA ALA A 34 -6.25 -3.17 -8.03
C ALA A 34 -6.23 -4.52 -7.35
N PHE A 35 -5.15 -5.27 -7.54
CA PHE A 35 -5.00 -6.60 -6.95
C PHE A 35 -3.54 -7.01 -6.88
N VAL A 36 -3.11 -7.45 -5.70
CA VAL A 36 -1.73 -7.88 -5.51
C VAL A 36 -1.66 -9.37 -5.19
N LEU A 37 -0.48 -9.96 -5.42
CA LEU A 37 -0.28 -11.38 -5.15
C LEU A 37 0.70 -11.59 -4.01
N PRO A 38 0.71 -12.81 -3.44
CA PRO A 38 1.60 -13.16 -2.34
C PRO A 38 3.06 -13.25 -2.78
N GLY A 39 3.75 -12.12 -2.78
CA GLY A 39 5.15 -12.10 -3.19
C GLY A 39 5.50 -10.88 -4.00
N THR A 40 4.49 -10.06 -4.31
CA THR A 40 4.70 -8.85 -5.08
C THR A 40 4.79 -7.62 -4.17
N ALA A 41 5.78 -6.78 -4.43
CA ALA A 41 5.98 -5.57 -3.64
C ALA A 41 5.34 -4.36 -4.32
N PHE A 42 4.34 -3.78 -3.66
CA PHE A 42 3.64 -2.63 -4.20
C PHE A 42 3.73 -1.45 -3.24
N ARG A 43 4.00 -0.26 -3.79
CA ARG A 43 4.12 0.94 -2.99
C ARG A 43 2.75 1.57 -2.75
N VAL A 44 2.50 1.99 -1.52
CA VAL A 44 1.23 2.62 -1.16
C VAL A 44 1.44 3.81 -0.24
N SER A 45 0.35 4.48 0.13
CA SER A 45 0.42 5.64 1.00
C SER A 45 0.78 5.23 2.43
N ALA A 46 1.29 6.18 3.20
CA ALA A 46 1.67 5.92 4.58
C ALA A 46 0.47 5.50 5.41
N GLY A 47 -0.71 6.03 5.08
CA GLY A 47 -1.92 5.69 5.81
C GLY A 47 -2.49 4.36 5.37
N VAL A 48 -2.38 4.06 4.09
CA VAL A 48 -2.90 2.81 3.54
C VAL A 48 -2.16 1.61 4.11
N ALA A 49 -0.83 1.65 4.04
CA ALA A 49 0.01 0.57 4.54
C ALA A 49 -0.35 0.23 5.98
N ALA A 50 -0.67 1.26 6.77
CA ALA A 50 -1.03 1.08 8.17
C ALA A 50 -2.12 0.02 8.31
N GLU A 51 -3.11 0.07 7.43
CA GLU A 51 -4.21 -0.89 7.46
C GLU A 51 -3.78 -2.24 6.90
N MET A 52 -3.07 -2.22 5.77
CA MET A 52 -2.60 -3.44 5.15
C MET A 52 -1.85 -4.31 6.15
N THR A 53 -0.85 -3.74 6.80
CA THR A 53 -0.05 -4.47 7.79
C THR A 53 -0.90 -4.86 8.99
N GLU A 54 -1.93 -4.06 9.28
CA GLU A 54 -2.81 -4.32 10.41
C GLU A 54 -3.76 -5.48 10.10
N ARG A 55 -4.02 -5.69 8.82
CA ARG A 55 -4.91 -6.77 8.38
C ARG A 55 -4.20 -8.11 8.46
N GLY A 56 -2.87 -8.09 8.39
CA GLY A 56 -2.11 -9.31 8.45
C GLY A 56 -2.05 -10.03 7.12
N LEU A 57 -2.39 -9.33 6.04
CA LEU A 57 -2.38 -9.90 4.71
C LEU A 57 -1.16 -9.45 3.92
N ALA A 58 -0.61 -8.30 4.30
CA ALA A 58 0.56 -7.76 3.63
C ALA A 58 1.59 -7.26 4.65
N ARG A 59 2.87 -7.37 4.28
CA ARG A 59 3.95 -6.95 5.17
C ARG A 59 4.86 -5.95 4.46
N MET A 60 5.47 -5.06 5.23
CA MET A 60 6.37 -4.05 4.68
C MET A 60 7.72 -4.67 4.33
N GLN A 61 8.04 -4.70 3.03
CA GLN A 61 9.30 -5.25 2.56
C GLN A 61 10.47 -4.63 3.30
N PRO A 1 -13.51 4.28 8.10
CA PRO A 1 -12.75 5.53 8.08
C PRO A 1 -13.27 6.54 9.09
N ASP A 2 -12.71 7.75 9.04
CA ASP A 2 -13.12 8.82 9.95
C ASP A 2 -12.72 10.18 9.40
N THR A 3 -11.52 10.26 8.84
CA THR A 3 -11.01 11.51 8.29
C THR A 3 -10.86 11.41 6.77
N VAL A 4 -10.16 10.38 6.31
CA VAL A 4 -9.95 10.18 4.88
C VAL A 4 -9.24 11.38 4.25
N ILE A 5 -8.15 11.81 4.90
CA ILE A 5 -7.38 12.95 4.41
C ILE A 5 -5.89 12.60 4.32
N LEU A 6 -5.38 12.53 3.11
CA LEU A 6 -3.97 12.21 2.89
C LEU A 6 -3.33 13.19 1.91
N ASP A 7 -2.30 13.89 2.39
CA ASP A 7 -1.60 14.87 1.55
C ASP A 7 -0.10 14.87 1.86
N THR A 8 0.59 13.83 1.43
CA THR A 8 2.02 13.71 1.66
C THR A 8 2.73 13.15 0.43
N SER A 9 4.05 12.96 0.55
CA SER A 9 4.84 12.43 -0.55
C SER A 9 5.93 11.49 -0.03
N GLU A 10 5.49 10.34 0.50
CA GLU A 10 6.42 9.35 1.03
C GLU A 10 5.88 7.94 0.84
N LEU A 11 5.99 7.42 -0.38
CA LEU A 11 5.50 6.09 -0.69
C LEU A 11 6.20 5.04 0.18
N VAL A 12 5.47 3.98 0.52
CA VAL A 12 6.02 2.92 1.34
C VAL A 12 5.97 1.58 0.61
N THR A 13 7.08 0.84 0.66
CA THR A 13 7.17 -0.45 0.00
C THR A 13 6.54 -1.55 0.86
N VAL A 14 5.54 -2.23 0.31
CA VAL A 14 4.87 -3.31 1.03
C VAL A 14 4.50 -4.45 0.09
N VAL A 15 4.85 -5.67 0.49
CA VAL A 15 4.56 -6.85 -0.31
C VAL A 15 3.46 -7.69 0.32
N ALA A 16 2.48 -8.08 -0.48
CA ALA A 16 1.37 -8.89 0.01
C ALA A 16 1.82 -10.32 0.30
N LEU A 17 1.33 -10.87 1.41
CA LEU A 17 1.69 -12.23 1.81
C LEU A 17 0.65 -13.23 1.32
N VAL A 18 -0.57 -12.76 1.12
CA VAL A 18 -1.66 -13.62 0.66
C VAL A 18 -2.48 -12.91 -0.42
N LYS A 19 -3.11 -13.71 -1.28
CA LYS A 19 -3.93 -13.17 -2.36
C LYS A 19 -4.97 -12.18 -1.81
N LEU A 20 -4.71 -10.90 -2.04
CA LEU A 20 -5.62 -9.85 -1.57
C LEU A 20 -5.76 -8.75 -2.62
N HIS A 21 -6.96 -8.20 -2.73
CA HIS A 21 -7.22 -7.13 -3.69
C HIS A 21 -7.12 -5.76 -3.02
N THR A 22 -6.03 -5.05 -3.29
CA THR A 22 -5.81 -3.73 -2.71
C THR A 22 -5.93 -2.64 -3.77
N ASP A 23 -6.40 -1.47 -3.35
CA ASP A 23 -6.56 -0.35 -4.27
C ASP A 23 -5.57 0.76 -3.93
N ALA A 24 -4.39 0.70 -4.54
CA ALA A 24 -3.36 1.70 -4.31
C ALA A 24 -2.79 2.21 -5.64
N LEU A 25 -3.05 3.48 -5.93
CA LEU A 25 -2.56 4.09 -7.17
C LEU A 25 -1.20 4.73 -6.96
N HIS A 26 -0.22 4.29 -7.75
CA HIS A 26 1.14 4.81 -7.66
C HIS A 26 1.14 6.33 -7.71
N ALA A 27 1.77 6.96 -6.73
CA ALA A 27 1.84 8.41 -6.67
C ALA A 27 3.12 8.93 -7.34
N THR A 28 4.24 8.29 -7.02
CA THR A 28 5.53 8.69 -7.58
C THR A 28 5.73 8.08 -8.97
N ARG A 29 5.19 6.88 -9.16
CA ARG A 29 5.32 6.17 -10.43
C ARG A 29 3.99 6.15 -11.17
N ASP A 30 3.97 5.50 -12.33
CA ASP A 30 2.76 5.40 -13.13
C ASP A 30 2.31 3.96 -13.29
N GLU A 31 1.65 3.43 -12.26
CA GLU A 31 1.17 2.06 -12.28
C GLU A 31 0.14 1.82 -11.17
N PRO A 32 -1.13 1.77 -11.57
CA PRO A 32 -2.24 1.54 -10.63
C PRO A 32 -2.25 0.12 -10.06
N VAL A 33 -2.82 -0.03 -8.87
CA VAL A 33 -2.89 -1.34 -8.23
C VAL A 33 -4.32 -1.67 -7.82
N ALA A 34 -4.85 -2.75 -8.37
CA ALA A 34 -6.22 -3.18 -8.05
C ALA A 34 -6.22 -4.54 -7.38
N PHE A 35 -5.15 -5.30 -7.57
CA PHE A 35 -5.03 -6.62 -6.99
C PHE A 35 -3.57 -7.06 -6.91
N VAL A 36 -3.15 -7.50 -5.72
CA VAL A 36 -1.78 -7.94 -5.52
C VAL A 36 -1.73 -9.43 -5.20
N LEU A 37 -0.56 -10.04 -5.43
CA LEU A 37 -0.38 -11.47 -5.16
C LEU A 37 0.61 -11.68 -4.01
N PRO A 38 0.59 -12.90 -3.45
CA PRO A 38 1.47 -13.26 -2.33
C PRO A 38 2.94 -13.38 -2.77
N GLY A 39 3.64 -12.26 -2.77
CA GLY A 39 5.03 -12.25 -3.18
C GLY A 39 5.41 -11.03 -3.99
N THR A 40 4.41 -10.21 -4.32
CA THR A 40 4.64 -9.00 -5.10
C THR A 40 4.74 -7.78 -4.19
N ALA A 41 5.75 -6.95 -4.45
CA ALA A 41 5.95 -5.74 -3.66
C ALA A 41 5.32 -4.53 -4.33
N PHE A 42 4.32 -3.95 -3.67
CA PHE A 42 3.63 -2.78 -4.21
C PHE A 42 3.77 -1.58 -3.28
N ARG A 43 4.04 -0.42 -3.85
CA ARG A 43 4.22 0.80 -3.06
C ARG A 43 2.86 1.46 -2.81
N VAL A 44 2.63 1.86 -1.56
CA VAL A 44 1.38 2.51 -1.18
C VAL A 44 1.65 3.75 -0.32
N SER A 45 0.56 4.44 0.05
CA SER A 45 0.68 5.63 0.86
C SER A 45 0.97 5.27 2.32
N ALA A 46 1.70 6.15 3.00
CA ALA A 46 2.04 5.92 4.41
C ALA A 46 0.80 5.59 5.23
N GLY A 47 -0.33 6.19 4.85
CA GLY A 47 -1.57 5.94 5.57
C GLY A 47 -2.22 4.65 5.16
N VAL A 48 -2.00 4.23 3.91
CA VAL A 48 -2.57 3.00 3.40
C VAL A 48 -1.87 1.78 3.99
N ALA A 49 -0.55 1.79 3.95
CA ALA A 49 0.24 0.68 4.48
C ALA A 49 -0.18 0.35 5.92
N ALA A 50 -0.49 1.38 6.69
CA ALA A 50 -0.89 1.21 8.07
C ALA A 50 -2.02 0.19 8.18
N GLU A 51 -2.98 0.28 7.27
CA GLU A 51 -4.11 -0.64 7.26
C GLU A 51 -3.72 -2.01 6.73
N MET A 52 -2.99 -2.01 5.62
CA MET A 52 -2.53 -3.26 5.01
C MET A 52 -1.86 -4.16 6.04
N THR A 53 -0.86 -3.62 6.72
CA THR A 53 -0.14 -4.37 7.74
C THR A 53 -1.03 -4.74 8.91
N GLU A 54 -2.03 -3.89 9.16
CA GLU A 54 -2.97 -4.13 10.25
C GLU A 54 -3.93 -5.26 9.91
N ARG A 55 -4.13 -5.49 8.62
CA ARG A 55 -5.02 -6.55 8.17
C ARG A 55 -4.37 -7.92 8.32
N GLY A 56 -3.04 -7.94 8.32
CA GLY A 56 -2.32 -9.18 8.46
C GLY A 56 -2.25 -9.96 7.16
N LEU A 57 -2.48 -9.27 6.04
CA LEU A 57 -2.45 -9.91 4.73
C LEU A 57 -1.21 -9.49 3.96
N ALA A 58 -0.66 -8.33 4.30
CA ALA A 58 0.54 -7.83 3.64
C ALA A 58 1.59 -7.41 4.65
N ARG A 59 2.85 -7.44 4.24
CA ARG A 59 3.95 -7.07 5.11
C ARG A 59 4.93 -6.15 4.39
N MET A 60 5.51 -5.21 5.13
CA MET A 60 6.47 -4.26 4.57
C MET A 60 7.71 -4.99 4.06
N GLN A 61 8.29 -4.48 2.98
CA GLN A 61 9.48 -5.08 2.38
C GLN A 61 10.74 -4.58 3.08
N PRO A 1 -12.38 7.95 8.13
CA PRO A 1 -11.52 9.08 7.77
C PRO A 1 -11.68 10.27 8.72
N ASP A 2 -11.08 11.40 8.37
CA ASP A 2 -11.17 12.59 9.19
C ASP A 2 -10.62 13.81 8.44
N THR A 3 -9.54 13.60 7.69
CA THR A 3 -8.93 14.68 6.93
C THR A 3 -9.07 14.44 5.43
N VAL A 4 -8.66 13.26 4.98
CA VAL A 4 -8.74 12.91 3.57
C VAL A 4 -7.94 13.88 2.71
N ILE A 5 -6.70 14.15 3.12
CA ILE A 5 -5.83 15.05 2.38
C ILE A 5 -4.47 14.42 2.12
N LEU A 6 -4.15 14.25 0.84
CA LEU A 6 -2.88 13.66 0.45
C LEU A 6 -2.07 14.62 -0.42
N ASP A 7 -1.00 15.19 0.15
CA ASP A 7 -0.16 16.12 -0.57
C ASP A 7 1.31 15.89 -0.23
N THR A 8 1.75 14.64 -0.34
CA THR A 8 3.13 14.29 -0.05
C THR A 8 3.66 13.25 -1.04
N SER A 9 4.92 12.85 -0.86
CA SER A 9 5.54 11.87 -1.74
C SER A 9 6.36 10.86 -0.94
N GLU A 10 5.75 10.31 0.10
CA GLU A 10 6.42 9.34 0.96
C GLU A 10 5.79 7.96 0.78
N LEU A 11 5.90 7.40 -0.41
CA LEU A 11 5.36 6.09 -0.71
C LEU A 11 6.07 5.00 0.09
N VAL A 12 5.30 4.07 0.64
CA VAL A 12 5.86 2.98 1.42
C VAL A 12 5.81 1.66 0.66
N THR A 13 6.92 0.93 0.66
CA THR A 13 6.99 -0.35 -0.03
C THR A 13 6.45 -1.48 0.83
N VAL A 14 5.43 -2.16 0.32
CA VAL A 14 4.82 -3.28 1.04
C VAL A 14 4.47 -4.42 0.10
N VAL A 15 4.83 -5.64 0.50
CA VAL A 15 4.55 -6.82 -0.31
C VAL A 15 3.44 -7.67 0.31
N ALA A 16 2.48 -8.06 -0.50
CA ALA A 16 1.37 -8.88 -0.03
C ALA A 16 1.84 -10.30 0.31
N LEU A 17 1.26 -10.87 1.36
CA LEU A 17 1.62 -12.22 1.79
C LEU A 17 0.60 -13.24 1.30
N VAL A 18 -0.61 -12.77 0.99
CA VAL A 18 -1.67 -13.65 0.50
C VAL A 18 -2.50 -12.95 -0.56
N LYS A 19 -3.16 -13.73 -1.40
CA LYS A 19 -3.99 -13.20 -2.47
C LYS A 19 -5.00 -12.19 -1.91
N LEU A 20 -4.72 -10.91 -2.10
CA LEU A 20 -5.60 -9.86 -1.62
C LEU A 20 -5.73 -8.75 -2.66
N HIS A 21 -6.94 -8.18 -2.77
CA HIS A 21 -7.20 -7.12 -3.72
C HIS A 21 -7.10 -5.75 -3.05
N THR A 22 -6.01 -5.04 -3.31
CA THR A 22 -5.79 -3.72 -2.72
C THR A 22 -5.90 -2.63 -3.78
N ASP A 23 -6.38 -1.46 -3.36
CA ASP A 23 -6.53 -0.34 -4.28
C ASP A 23 -5.54 0.78 -3.94
N ALA A 24 -4.36 0.71 -4.54
CA ALA A 24 -3.32 1.70 -4.30
C ALA A 24 -2.76 2.23 -5.62
N LEU A 25 -3.02 3.50 -5.90
CA LEU A 25 -2.54 4.14 -7.12
C LEU A 25 -1.16 4.76 -6.91
N HIS A 26 -0.20 4.32 -7.72
CA HIS A 26 1.17 4.84 -7.64
C HIS A 26 1.19 6.36 -7.67
N ALA A 27 1.82 6.97 -6.67
CA ALA A 27 1.91 8.42 -6.60
C ALA A 27 3.16 8.94 -7.29
N THR A 28 4.29 8.29 -7.00
CA THR A 28 5.57 8.68 -7.58
C THR A 28 5.73 8.09 -8.98
N ARG A 29 5.26 6.87 -9.16
CA ARG A 29 5.36 6.19 -10.45
C ARG A 29 4.01 6.20 -11.17
N ASP A 30 3.97 5.56 -12.33
CA ASP A 30 2.74 5.49 -13.12
C ASP A 30 2.29 4.04 -13.30
N GLU A 31 1.64 3.51 -12.26
CA GLU A 31 1.15 2.14 -12.30
C GLU A 31 0.14 1.89 -11.19
N PRO A 32 -1.15 1.84 -11.56
CA PRO A 32 -2.24 1.61 -10.60
C PRO A 32 -2.25 0.19 -10.06
N VAL A 33 -2.79 0.02 -8.86
CA VAL A 33 -2.86 -1.29 -8.23
C VAL A 33 -4.29 -1.64 -7.83
N ALA A 34 -4.82 -2.73 -8.37
CA ALA A 34 -6.17 -3.17 -8.07
C ALA A 34 -6.17 -4.53 -7.39
N PHE A 35 -5.08 -5.28 -7.59
CA PHE A 35 -4.96 -6.62 -7.00
C PHE A 35 -3.50 -7.04 -6.93
N VAL A 36 -3.07 -7.48 -5.75
CA VAL A 36 -1.69 -7.92 -5.56
C VAL A 36 -1.63 -9.41 -5.23
N LEU A 37 -0.47 -10.01 -5.45
CA LEU A 37 -0.27 -11.42 -5.17
C LEU A 37 0.72 -11.62 -4.02
N PRO A 38 0.71 -12.83 -3.44
CA PRO A 38 1.61 -13.18 -2.33
C PRO A 38 3.05 -13.30 -2.78
N GLY A 39 3.76 -12.18 -2.82
CA GLY A 39 5.15 -12.17 -3.24
C GLY A 39 5.52 -10.93 -4.03
N THR A 40 4.52 -10.12 -4.36
CA THR A 40 4.75 -8.90 -5.12
C THR A 40 4.83 -7.69 -4.20
N ALA A 41 5.82 -6.84 -4.44
CA ALA A 41 6.01 -5.64 -3.63
C ALA A 41 5.37 -4.42 -4.29
N PHE A 42 4.34 -3.88 -3.65
CA PHE A 42 3.64 -2.72 -4.18
C PHE A 42 3.77 -1.53 -3.23
N ARG A 43 3.94 -0.34 -3.81
CA ARG A 43 4.06 0.87 -3.01
C ARG A 43 2.70 1.49 -2.73
N VAL A 44 2.49 1.93 -1.49
CA VAL A 44 1.23 2.55 -1.10
C VAL A 44 1.47 3.78 -0.22
N SER A 45 0.38 4.44 0.15
CA SER A 45 0.47 5.64 0.99
C SER A 45 0.78 5.27 2.43
N ALA A 46 1.53 6.13 3.11
CA ALA A 46 1.89 5.89 4.50
C ALA A 46 0.67 5.57 5.34
N GLY A 47 -0.47 6.17 5.00
CA GLY A 47 -1.69 5.93 5.73
C GLY A 47 -2.37 4.63 5.32
N VAL A 48 -2.13 4.20 4.08
CA VAL A 48 -2.73 2.97 3.57
C VAL A 48 -2.01 1.75 4.14
N ALA A 49 -0.68 1.76 4.08
CA ALA A 49 0.13 0.66 4.58
C ALA A 49 -0.26 0.31 6.01
N ALA A 50 -0.57 1.33 6.80
CA ALA A 50 -0.97 1.14 8.20
C ALA A 50 -2.08 0.11 8.32
N GLU A 51 -3.05 0.19 7.42
CA GLU A 51 -4.18 -0.73 7.42
C GLU A 51 -3.77 -2.10 6.86
N MET A 52 -3.01 -2.07 5.77
CA MET A 52 -2.54 -3.29 5.13
C MET A 52 -1.85 -4.21 6.14
N THR A 53 -0.85 -3.67 6.83
CA THR A 53 -0.10 -4.43 7.82
C THR A 53 -0.98 -4.80 9.01
N GLU A 54 -1.97 -3.96 9.29
CA GLU A 54 -2.89 -4.20 10.40
C GLU A 54 -3.88 -5.31 10.06
N ARG A 55 -4.09 -5.53 8.76
CA ARG A 55 -5.01 -6.56 8.31
C ARG A 55 -4.38 -7.95 8.43
N GLY A 56 -3.05 -7.99 8.41
CA GLY A 56 -2.36 -9.26 8.51
C GLY A 56 -2.32 -10.02 7.21
N LEU A 57 -2.47 -9.29 6.10
CA LEU A 57 -2.45 -9.91 4.78
C LEU A 57 -1.21 -9.50 4.00
N ALA A 58 -0.65 -8.34 4.35
CA ALA A 58 0.54 -7.82 3.69
C ALA A 58 1.61 -7.44 4.70
N ARG A 59 2.86 -7.40 4.25
CA ARG A 59 3.97 -7.05 5.12
C ARG A 59 4.97 -6.14 4.39
N MET A 60 5.54 -5.19 5.12
CA MET A 60 6.51 -4.26 4.55
C MET A 60 7.74 -5.00 4.05
N GLN A 61 8.22 -4.62 2.87
CA GLN A 61 9.41 -5.25 2.30
C GLN A 61 10.65 -4.98 3.14
N PRO A 1 -12.46 10.72 3.24
CA PRO A 1 -12.38 11.79 4.24
C PRO A 1 -13.40 12.89 3.98
N ASP A 2 -13.24 14.01 4.67
CA ASP A 2 -14.15 15.14 4.51
C ASP A 2 -13.56 16.20 3.59
N THR A 3 -12.23 16.23 3.51
CA THR A 3 -11.54 17.19 2.67
C THR A 3 -11.14 16.58 1.33
N VAL A 4 -10.72 15.32 1.37
CA VAL A 4 -10.31 14.62 0.16
C VAL A 4 -9.18 15.35 -0.55
N ILE A 5 -8.05 15.49 0.15
CA ILE A 5 -6.90 16.17 -0.41
C ILE A 5 -5.60 15.59 0.15
N LEU A 6 -4.85 14.89 -0.69
CA LEU A 6 -3.59 14.29 -0.28
C LEU A 6 -2.47 14.64 -1.25
N ASP A 7 -1.46 15.33 -0.75
CA ASP A 7 -0.32 15.73 -1.58
C ASP A 7 1.01 15.50 -0.84
N THR A 8 1.56 14.30 -0.98
CA THR A 8 2.81 13.96 -0.33
C THR A 8 3.68 13.09 -1.22
N SER A 9 4.96 12.97 -0.86
CA SER A 9 5.90 12.16 -1.63
C SER A 9 6.63 11.18 -0.74
N GLU A 10 5.89 10.32 -0.05
CA GLU A 10 6.46 9.33 0.84
C GLU A 10 5.80 7.97 0.66
N LEU A 11 6.10 7.31 -0.44
CA LEU A 11 5.52 6.00 -0.73
C LEU A 11 6.22 4.91 0.06
N VAL A 12 5.44 4.04 0.69
CA VAL A 12 5.99 2.94 1.49
C VAL A 12 5.93 1.62 0.71
N THR A 13 7.03 0.88 0.75
CA THR A 13 7.11 -0.40 0.06
C THR A 13 6.52 -1.52 0.90
N VAL A 14 5.51 -2.19 0.37
CA VAL A 14 4.86 -3.28 1.07
C VAL A 14 4.52 -4.43 0.11
N VAL A 15 4.85 -5.64 0.51
CA VAL A 15 4.58 -6.82 -0.30
C VAL A 15 3.50 -7.69 0.33
N ALA A 16 2.52 -8.09 -0.49
CA ALA A 16 1.42 -8.92 -0.01
C ALA A 16 1.90 -10.33 0.31
N LEU A 17 1.34 -10.92 1.35
CA LEU A 17 1.71 -12.28 1.76
C LEU A 17 0.69 -13.30 1.27
N VAL A 18 -0.52 -12.83 0.98
CA VAL A 18 -1.59 -13.70 0.50
C VAL A 18 -2.43 -13.00 -0.56
N LYS A 19 -3.11 -13.79 -1.38
CA LYS A 19 -3.96 -13.25 -2.45
C LYS A 19 -4.96 -12.24 -1.87
N LEU A 20 -4.68 -10.96 -2.06
CA LEU A 20 -5.55 -9.90 -1.56
C LEU A 20 -5.70 -8.79 -2.59
N HIS A 21 -6.91 -8.23 -2.68
CA HIS A 21 -7.18 -7.16 -3.62
C HIS A 21 -7.07 -5.80 -2.94
N THR A 22 -5.98 -5.08 -3.23
CA THR A 22 -5.75 -3.77 -2.64
C THR A 22 -5.89 -2.66 -3.68
N ASP A 23 -6.36 -1.50 -3.26
CA ASP A 23 -6.53 -0.37 -4.16
C ASP A 23 -5.53 0.74 -3.84
N ALA A 24 -4.36 0.67 -4.46
CA ALA A 24 -3.32 1.68 -4.24
C ALA A 24 -2.78 2.21 -5.57
N LEU A 25 -3.05 3.47 -5.84
CA LEU A 25 -2.59 4.11 -7.08
C LEU A 25 -1.21 4.73 -6.89
N HIS A 26 -0.26 4.30 -7.69
CA HIS A 26 1.10 4.83 -7.62
C HIS A 26 1.10 6.36 -7.66
N ALA A 27 1.75 6.96 -6.68
CA ALA A 27 1.83 8.42 -6.59
C ALA A 27 3.08 8.95 -7.28
N THR A 28 4.21 8.32 -6.99
CA THR A 28 5.49 8.72 -7.58
C THR A 28 5.66 8.13 -8.97
N ARG A 29 5.11 6.94 -9.18
CA ARG A 29 5.21 6.25 -10.46
C ARG A 29 3.86 6.24 -11.17
N ASP A 30 3.81 5.61 -12.34
CA ASP A 30 2.59 5.51 -13.11
C ASP A 30 2.14 4.07 -13.28
N GLU A 31 1.51 3.53 -12.25
CA GLU A 31 1.04 2.15 -12.28
C GLU A 31 0.04 1.89 -11.15
N PRO A 32 -1.26 1.83 -11.52
CA PRO A 32 -2.34 1.59 -10.55
C PRO A 32 -2.32 0.17 -10.02
N VAL A 33 -2.87 -0.01 -8.81
CA VAL A 33 -2.92 -1.31 -8.19
C VAL A 33 -4.34 -1.67 -7.76
N ALA A 34 -4.87 -2.76 -8.30
CA ALA A 34 -6.23 -3.20 -7.97
C ALA A 34 -6.21 -4.57 -7.30
N PHE A 35 -5.13 -5.31 -7.51
CA PHE A 35 -4.98 -6.64 -6.92
C PHE A 35 -3.51 -7.06 -6.87
N VAL A 36 -3.08 -7.50 -5.70
CA VAL A 36 -1.70 -7.93 -5.51
C VAL A 36 -1.62 -9.42 -5.20
N LEU A 37 -0.46 -10.01 -5.43
CA LEU A 37 -0.25 -11.43 -5.17
C LEU A 37 0.75 -11.65 -4.04
N PRO A 38 0.76 -12.86 -3.46
CA PRO A 38 1.66 -13.21 -2.37
C PRO A 38 3.12 -13.31 -2.83
N GLY A 39 3.81 -12.18 -2.85
CA GLY A 39 5.19 -12.18 -3.28
C GLY A 39 5.55 -10.93 -4.06
N THR A 40 4.54 -10.12 -4.38
CA THR A 40 4.76 -8.90 -5.14
C THR A 40 4.85 -7.69 -4.21
N ALA A 41 5.85 -6.84 -4.47
CA ALA A 41 6.05 -5.64 -3.66
C ALA A 41 5.40 -4.43 -4.31
N PHE A 42 4.37 -3.88 -3.65
CA PHE A 42 3.67 -2.71 -4.17
C PHE A 42 3.80 -1.53 -3.22
N ARG A 43 4.06 -0.35 -3.78
CA ARG A 43 4.22 0.85 -2.98
C ARG A 43 2.86 1.51 -2.71
N VAL A 44 2.62 1.88 -1.46
CA VAL A 44 1.37 2.51 -1.08
C VAL A 44 1.61 3.75 -0.22
N SER A 45 0.54 4.43 0.16
CA SER A 45 0.64 5.63 0.98
C SER A 45 0.94 5.26 2.43
N ALA A 46 1.66 6.14 3.12
CA ALA A 46 2.01 5.90 4.52
C ALA A 46 0.78 5.55 5.35
N GLY A 47 -0.35 6.16 5.00
CA GLY A 47 -1.59 5.91 5.72
C GLY A 47 -2.26 4.62 5.28
N VAL A 48 -2.01 4.22 4.03
CA VAL A 48 -2.60 3.01 3.48
C VAL A 48 -1.91 1.77 4.06
N ALA A 49 -0.58 1.78 4.03
CA ALA A 49 0.20 0.65 4.55
C ALA A 49 -0.24 0.28 5.96
N ALA A 50 -0.49 1.30 6.78
CA ALA A 50 -0.91 1.08 8.16
C ALA A 50 -2.10 0.13 8.23
N GLU A 51 -3.02 0.27 7.29
CA GLU A 51 -4.20 -0.59 7.24
C GLU A 51 -3.86 -1.97 6.70
N MET A 52 -3.06 -2.00 5.64
CA MET A 52 -2.65 -3.26 5.02
C MET A 52 -2.01 -4.18 6.05
N THR A 53 -1.00 -3.68 6.74
CA THR A 53 -0.30 -4.47 7.76
C THR A 53 -1.23 -4.82 8.92
N GLU A 54 -2.21 -3.95 9.17
CA GLU A 54 -3.16 -4.17 10.24
C GLU A 54 -4.13 -5.30 9.90
N ARG A 55 -4.31 -5.54 8.60
CA ARG A 55 -5.21 -6.58 8.14
C ARG A 55 -4.56 -7.96 8.30
N GLY A 56 -3.24 -7.99 8.28
CA GLY A 56 -2.53 -9.25 8.43
C GLY A 56 -2.45 -10.03 7.13
N LEU A 57 -2.50 -9.32 6.02
CA LEU A 57 -2.44 -9.96 4.70
C LEU A 57 -1.19 -9.54 3.94
N ALA A 58 -0.67 -8.35 4.27
CA ALA A 58 0.53 -7.84 3.63
C ALA A 58 1.57 -7.40 4.65
N ARG A 59 2.84 -7.43 4.27
CA ARG A 59 3.92 -7.04 5.16
C ARG A 59 4.90 -6.11 4.45
N MET A 60 5.40 -5.12 5.19
CA MET A 60 6.34 -4.16 4.62
C MET A 60 7.60 -4.87 4.13
N GLN A 61 8.09 -4.45 2.97
CA GLN A 61 9.28 -5.04 2.37
C GLN A 61 10.52 -4.66 3.18
N PRO A 1 -10.77 14.78 11.50
CA PRO A 1 -12.00 15.35 12.06
C PRO A 1 -11.98 16.88 12.06
N ASP A 2 -11.47 17.46 10.99
CA ASP A 2 -11.40 18.91 10.87
C ASP A 2 -10.91 19.32 9.48
N THR A 3 -9.65 19.02 9.20
CA THR A 3 -9.05 19.36 7.91
C THR A 3 -9.18 18.20 6.93
N VAL A 4 -8.69 17.03 7.32
CA VAL A 4 -8.75 15.86 6.47
C VAL A 4 -8.02 16.08 5.15
N ILE A 5 -6.89 16.77 5.23
CA ILE A 5 -6.09 17.05 4.04
C ILE A 5 -4.69 16.46 4.17
N LEU A 6 -4.38 15.50 3.31
CA LEU A 6 -3.07 14.85 3.33
C LEU A 6 -2.36 15.02 1.99
N ASP A 7 -1.41 15.95 1.95
CA ASP A 7 -0.66 16.21 0.72
C ASP A 7 0.83 15.97 0.94
N THR A 8 1.25 14.72 0.77
CA THR A 8 2.65 14.36 0.94
C THR A 8 3.13 13.41 -0.16
N SER A 9 4.42 13.09 -0.14
CA SER A 9 4.99 12.20 -1.15
C SER A 9 5.97 11.22 -0.50
N GLU A 10 5.47 10.40 0.42
CA GLU A 10 6.30 9.43 1.11
C GLU A 10 5.75 8.02 0.93
N LEU A 11 5.87 7.50 -0.29
CA LEU A 11 5.37 6.16 -0.60
C LEU A 11 6.08 5.11 0.26
N VAL A 12 5.36 4.05 0.60
CA VAL A 12 5.92 2.97 1.41
C VAL A 12 5.87 1.65 0.67
N THR A 13 6.98 0.91 0.71
CA THR A 13 7.06 -0.38 0.04
C THR A 13 6.46 -1.49 0.90
N VAL A 14 5.47 -2.19 0.35
CA VAL A 14 4.82 -3.28 1.06
C VAL A 14 4.47 -4.42 0.12
N VAL A 15 4.81 -5.64 0.52
CA VAL A 15 4.52 -6.82 -0.29
C VAL A 15 3.43 -7.67 0.34
N ALA A 16 2.45 -8.06 -0.46
CA ALA A 16 1.35 -8.88 0.02
C ALA A 16 1.82 -10.30 0.33
N LEU A 17 1.23 -10.90 1.37
CA LEU A 17 1.58 -12.25 1.78
C LEU A 17 0.55 -13.26 1.30
N VAL A 18 -0.65 -12.76 0.99
CA VAL A 18 -1.73 -13.62 0.52
C VAL A 18 -2.56 -12.92 -0.55
N LYS A 19 -3.22 -13.70 -1.39
CA LYS A 19 -4.05 -13.16 -2.46
C LYS A 19 -5.05 -12.14 -1.91
N LEU A 20 -4.76 -10.86 -2.08
CA LEU A 20 -5.64 -9.80 -1.60
C LEU A 20 -5.78 -8.70 -2.64
N HIS A 21 -6.98 -8.13 -2.75
CA HIS A 21 -7.24 -7.06 -3.69
C HIS A 21 -7.12 -5.70 -3.03
N THR A 22 -6.03 -5.00 -3.32
CA THR A 22 -5.79 -3.68 -2.75
C THR A 22 -5.90 -2.59 -3.81
N ASP A 23 -6.37 -1.42 -3.39
CA ASP A 23 -6.51 -0.29 -4.31
C ASP A 23 -5.51 0.81 -3.98
N ALA A 24 -4.34 0.73 -4.59
CA ALA A 24 -3.29 1.72 -4.37
C ALA A 24 -2.73 2.23 -5.69
N LEU A 25 -2.98 3.49 -5.98
CA LEU A 25 -2.50 4.11 -7.22
C LEU A 25 -1.12 4.73 -7.02
N HIS A 26 -0.15 4.28 -7.81
CA HIS A 26 1.21 4.79 -7.72
C HIS A 26 1.22 6.31 -7.78
N ALA A 27 1.87 6.93 -6.79
CA ALA A 27 1.96 8.39 -6.72
C ALA A 27 3.23 8.89 -7.40
N THR A 28 4.35 8.25 -7.09
CA THR A 28 5.63 8.64 -7.66
C THR A 28 5.82 8.02 -9.05
N ARG A 29 5.26 6.84 -9.25
CA ARG A 29 5.36 6.15 -10.52
C ARG A 29 4.02 6.14 -11.26
N ASP A 30 3.99 5.50 -12.42
CA ASP A 30 2.77 5.41 -13.21
C ASP A 30 2.31 3.96 -13.37
N GLU A 31 1.65 3.45 -12.33
CA GLU A 31 1.18 2.07 -12.36
C GLU A 31 0.15 1.83 -11.24
N PRO A 32 -1.13 1.78 -11.62
CA PRO A 32 -2.23 1.57 -10.67
C PRO A 32 -2.23 0.14 -10.11
N VAL A 33 -2.80 -0.02 -8.92
CA VAL A 33 -2.88 -1.32 -8.28
C VAL A 33 -4.30 -1.65 -7.87
N ALA A 34 -4.83 -2.74 -8.40
CA ALA A 34 -6.19 -3.18 -8.09
C ALA A 34 -6.19 -4.53 -7.40
N PHE A 35 -5.12 -5.29 -7.59
CA PHE A 35 -5.00 -6.61 -6.99
C PHE A 35 -3.54 -7.04 -6.90
N VAL A 36 -3.12 -7.47 -5.72
CA VAL A 36 -1.75 -7.92 -5.51
C VAL A 36 -1.69 -9.40 -5.18
N LEU A 37 -0.53 -10.00 -5.41
CA LEU A 37 -0.35 -11.43 -5.14
C LEU A 37 0.64 -11.64 -4.00
N PRO A 38 0.64 -12.85 -3.42
CA PRO A 38 1.53 -13.22 -2.32
C PRO A 38 2.99 -13.33 -2.76
N GLY A 39 3.68 -12.20 -2.78
CA GLY A 39 5.08 -12.20 -3.19
C GLY A 39 5.45 -10.96 -3.99
N THR A 40 4.45 -10.16 -4.31
CA THR A 40 4.68 -8.94 -5.09
C THR A 40 4.77 -7.72 -4.17
N ALA A 41 5.78 -6.90 -4.42
CA ALA A 41 5.98 -5.68 -3.62
C ALA A 41 5.36 -4.47 -4.29
N PHE A 42 4.36 -3.89 -3.64
CA PHE A 42 3.67 -2.72 -4.17
C PHE A 42 3.80 -1.53 -3.22
N ARG A 43 3.96 -0.35 -3.80
CA ARG A 43 4.11 0.87 -3.01
C ARG A 43 2.75 1.51 -2.74
N VAL A 44 2.54 1.93 -1.49
CA VAL A 44 1.28 2.56 -1.12
C VAL A 44 1.53 3.78 -0.23
N SER A 45 0.44 4.46 0.15
CA SER A 45 0.54 5.64 1.00
C SER A 45 0.81 5.25 2.45
N ALA A 46 1.55 6.11 3.15
CA ALA A 46 1.89 5.86 4.55
C ALA A 46 0.64 5.54 5.36
N GLY A 47 -0.49 6.13 4.96
CA GLY A 47 -1.73 5.91 5.68
C GLY A 47 -2.39 4.60 5.27
N VAL A 48 -2.15 4.17 4.04
CA VAL A 48 -2.72 2.93 3.53
C VAL A 48 -1.99 1.72 4.09
N ALA A 49 -0.66 1.76 4.04
CA ALA A 49 0.16 0.66 4.55
C ALA A 49 -0.24 0.30 5.97
N ALA A 50 -0.59 1.30 6.77
CA ALA A 50 -1.00 1.08 8.15
C ALA A 50 -2.08 0.02 8.25
N GLU A 51 -3.05 0.09 7.34
CA GLU A 51 -4.15 -0.87 7.32
C GLU A 51 -3.69 -2.21 6.74
N MET A 52 -2.97 -2.15 5.63
CA MET A 52 -2.47 -3.36 4.97
C MET A 52 -1.75 -4.25 5.97
N THR A 53 -0.84 -3.66 6.74
CA THR A 53 -0.08 -4.42 7.73
C THR A 53 -0.92 -4.72 8.96
N GLU A 54 -1.89 -3.86 9.25
CA GLU A 54 -2.77 -4.05 10.39
C GLU A 54 -3.74 -5.20 10.15
N ARG A 55 -3.97 -5.52 8.87
CA ARG A 55 -4.88 -6.60 8.50
C ARG A 55 -4.17 -7.95 8.55
N GLY A 56 -2.85 -7.92 8.44
CA GLY A 56 -2.07 -9.14 8.47
C GLY A 56 -2.07 -9.86 7.13
N LEU A 57 -2.45 -9.15 6.07
CA LEU A 57 -2.49 -9.73 4.74
C LEU A 57 -1.25 -9.34 3.94
N ALA A 58 -0.63 -8.22 4.32
CA ALA A 58 0.57 -7.76 3.63
C ALA A 58 1.64 -7.33 4.65
N ARG A 59 2.90 -7.44 4.24
CA ARG A 59 4.01 -7.08 5.12
C ARG A 59 4.99 -6.16 4.39
N MET A 60 5.62 -5.28 5.13
CA MET A 60 6.59 -4.34 4.57
C MET A 60 7.84 -5.08 4.08
N GLN A 61 8.24 -4.78 2.85
CA GLN A 61 9.42 -5.41 2.26
C GLN A 61 10.63 -5.27 3.18
N PRO A 1 -13.16 11.46 13.24
CA PRO A 1 -12.59 12.23 12.14
C PRO A 1 -12.98 13.72 12.20
N ASP A 2 -12.62 14.47 11.17
CA ASP A 2 -12.93 15.88 11.12
C ASP A 2 -12.79 16.42 9.69
N THR A 3 -11.76 15.96 8.98
CA THR A 3 -11.52 16.39 7.61
C THR A 3 -11.46 15.19 6.67
N VAL A 4 -10.81 14.12 7.11
CA VAL A 4 -10.68 12.91 6.30
C VAL A 4 -10.02 13.22 4.95
N ILE A 5 -8.79 13.68 5.00
CA ILE A 5 -8.05 14.01 3.78
C ILE A 5 -6.56 13.76 3.96
N LEU A 6 -6.02 12.86 3.15
CA LEU A 6 -4.59 12.54 3.21
C LEU A 6 -3.81 13.27 2.12
N ASP A 7 -2.91 14.13 2.54
CA ASP A 7 -2.09 14.90 1.61
C ASP A 7 -0.62 14.87 2.01
N THR A 8 0.06 13.78 1.66
CA THR A 8 1.47 13.62 1.99
C THR A 8 2.26 13.11 0.80
N SER A 9 3.56 12.90 0.99
CA SER A 9 4.43 12.41 -0.08
C SER A 9 5.49 11.48 0.47
N GLU A 10 5.05 10.36 1.05
CA GLU A 10 5.96 9.38 1.62
C GLU A 10 5.50 7.96 1.31
N LEU A 11 5.66 7.55 0.05
CA LEU A 11 5.26 6.22 -0.37
C LEU A 11 6.00 5.14 0.41
N VAL A 12 5.32 4.05 0.70
CA VAL A 12 5.91 2.94 1.44
C VAL A 12 5.86 1.64 0.63
N THR A 13 6.97 0.91 0.63
CA THR A 13 7.05 -0.35 -0.10
C THR A 13 6.52 -1.51 0.75
N VAL A 14 5.43 -2.10 0.30
CA VAL A 14 4.83 -3.22 1.02
C VAL A 14 4.48 -4.36 0.07
N VAL A 15 4.80 -5.59 0.47
CA VAL A 15 4.53 -6.76 -0.34
C VAL A 15 3.46 -7.64 0.29
N ALA A 16 2.47 -8.02 -0.51
CA ALA A 16 1.38 -8.85 -0.03
C ALA A 16 1.86 -10.27 0.26
N LEU A 17 1.33 -10.86 1.34
CA LEU A 17 1.71 -12.22 1.72
C LEU A 17 0.66 -13.23 1.27
N VAL A 18 -0.54 -12.74 1.01
CA VAL A 18 -1.64 -13.60 0.56
C VAL A 18 -2.48 -12.90 -0.50
N LYS A 19 -3.17 -13.70 -1.31
CA LYS A 19 -4.01 -13.16 -2.38
C LYS A 19 -5.02 -12.15 -1.81
N LEU A 20 -4.74 -10.87 -2.04
CA LEU A 20 -5.62 -9.82 -1.55
C LEU A 20 -5.77 -8.72 -2.59
N HIS A 21 -6.98 -8.18 -2.70
CA HIS A 21 -7.26 -7.11 -3.67
C HIS A 21 -7.16 -5.74 -3.01
N THR A 22 -6.07 -5.03 -3.28
CA THR A 22 -5.87 -3.70 -2.72
C THR A 22 -6.01 -2.61 -3.78
N ASP A 23 -6.54 -1.47 -3.38
CA ASP A 23 -6.73 -0.35 -4.29
C ASP A 23 -5.72 0.75 -4.02
N ALA A 24 -4.56 0.65 -4.68
CA ALA A 24 -3.50 1.64 -4.51
C ALA A 24 -3.22 2.37 -5.83
N LEU A 25 -2.27 3.29 -5.79
CA LEU A 25 -1.90 4.06 -6.97
C LEU A 25 -0.44 4.52 -6.89
N HIS A 26 0.33 4.22 -7.93
CA HIS A 26 1.73 4.60 -7.98
C HIS A 26 1.88 6.11 -8.02
N ALA A 27 2.47 6.68 -6.96
CA ALA A 27 2.67 8.11 -6.87
C ALA A 27 3.89 8.55 -7.68
N THR A 28 5.00 7.82 -7.51
CA THR A 28 6.22 8.14 -8.22
C THR A 28 6.17 7.63 -9.66
N ARG A 29 5.57 6.47 -9.85
CA ARG A 29 5.45 5.87 -11.19
C ARG A 29 4.01 5.98 -11.70
N ASP A 30 3.77 5.40 -12.87
CA ASP A 30 2.45 5.42 -13.47
C ASP A 30 1.90 4.00 -13.63
N GLU A 31 1.35 3.47 -12.53
CA GLU A 31 0.79 2.12 -12.55
C GLU A 31 -0.09 1.90 -11.32
N PRO A 32 -1.42 1.92 -11.54
CA PRO A 32 -2.40 1.72 -10.47
C PRO A 32 -2.42 0.28 -9.96
N VAL A 33 -2.86 0.10 -8.73
CA VAL A 33 -2.93 -1.23 -8.13
C VAL A 33 -4.36 -1.58 -7.73
N ALA A 34 -4.88 -2.67 -8.29
CA ALA A 34 -6.23 -3.11 -8.00
C ALA A 34 -6.23 -4.47 -7.33
N PHE A 35 -5.15 -5.22 -7.52
CA PHE A 35 -5.03 -6.55 -6.94
C PHE A 35 -3.56 -6.97 -6.87
N VAL A 36 -3.13 -7.42 -5.69
CA VAL A 36 -1.76 -7.87 -5.49
C VAL A 36 -1.70 -9.35 -5.18
N LEU A 37 -0.54 -9.95 -5.41
CA LEU A 37 -0.35 -11.38 -5.15
C LEU A 37 0.66 -11.59 -4.02
N PRO A 38 0.65 -12.81 -3.45
CA PRO A 38 1.56 -13.17 -2.35
C PRO A 38 3.00 -13.28 -2.81
N GLY A 39 3.70 -12.15 -2.83
CA GLY A 39 5.09 -12.15 -3.24
C GLY A 39 5.45 -10.91 -4.06
N THR A 40 4.45 -10.10 -4.37
CA THR A 40 4.66 -8.90 -5.15
C THR A 40 4.77 -7.67 -4.24
N ALA A 41 5.75 -6.83 -4.52
CA ALA A 41 5.96 -5.62 -3.73
C ALA A 41 5.31 -4.40 -4.40
N PHE A 42 4.33 -3.82 -3.73
CA PHE A 42 3.62 -2.66 -4.25
C PHE A 42 3.73 -1.48 -3.29
N ARG A 43 3.99 -0.30 -3.84
CA ARG A 43 4.12 0.91 -3.04
C ARG A 43 2.75 1.54 -2.77
N VAL A 44 2.52 1.93 -1.52
CA VAL A 44 1.26 2.54 -1.13
C VAL A 44 1.48 3.74 -0.22
N SER A 45 0.42 4.49 0.05
CA SER A 45 0.51 5.66 0.91
C SER A 45 0.83 5.27 2.35
N ALA A 46 1.61 6.10 3.03
CA ALA A 46 1.99 5.84 4.41
C ALA A 46 0.77 5.51 5.26
N GLY A 47 -0.36 6.12 4.92
CA GLY A 47 -1.58 5.88 5.67
C GLY A 47 -2.26 4.59 5.29
N VAL A 48 -2.08 4.17 4.04
CA VAL A 48 -2.68 2.93 3.54
C VAL A 48 -1.97 1.71 4.12
N ALA A 49 -0.64 1.72 4.05
CA ALA A 49 0.15 0.61 4.57
C ALA A 49 -0.24 0.29 6.01
N ALA A 50 -0.53 1.32 6.78
CA ALA A 50 -0.92 1.15 8.18
C ALA A 50 -2.05 0.12 8.32
N GLU A 51 -3.02 0.19 7.41
CA GLU A 51 -4.15 -0.72 7.43
C GLU A 51 -3.75 -2.10 6.89
N MET A 52 -2.98 -2.09 5.79
CA MET A 52 -2.52 -3.32 5.17
C MET A 52 -1.82 -4.21 6.19
N THR A 53 -0.81 -3.66 6.85
CA THR A 53 -0.04 -4.40 7.84
C THR A 53 -0.92 -4.78 9.03
N GLU A 54 -1.93 -3.96 9.31
CA GLU A 54 -2.84 -4.22 10.42
C GLU A 54 -3.83 -5.33 10.07
N ARG A 55 -4.04 -5.54 8.78
CA ARG A 55 -4.96 -6.57 8.31
C ARG A 55 -4.33 -7.95 8.43
N GLY A 56 -3.00 -7.99 8.39
CA GLY A 56 -2.30 -9.26 8.50
C GLY A 56 -2.26 -10.01 7.18
N LEU A 57 -2.38 -9.28 6.08
CA LEU A 57 -2.36 -9.88 4.75
C LEU A 57 -1.12 -9.44 3.97
N ALA A 58 -0.59 -8.28 4.32
CA ALA A 58 0.59 -7.74 3.67
C ALA A 58 1.62 -7.25 4.68
N ARG A 59 2.90 -7.33 4.31
CA ARG A 59 3.96 -6.89 5.19
C ARG A 59 4.98 -6.03 4.43
N MET A 60 5.54 -5.05 5.12
CA MET A 60 6.53 -4.15 4.51
C MET A 60 7.72 -4.94 4.00
N GLN A 61 8.21 -4.57 2.82
CA GLN A 61 9.36 -5.24 2.22
C GLN A 61 10.63 -4.92 2.99
N PRO A 1 -7.38 7.87 11.52
CA PRO A 1 -5.99 8.27 11.76
C PRO A 1 -5.84 9.09 13.04
N ASP A 2 -4.63 9.60 13.27
CA ASP A 2 -4.35 10.40 14.45
C ASP A 2 -3.07 11.22 14.26
N THR A 3 -2.73 11.49 13.01
CA THR A 3 -1.53 12.26 12.70
C THR A 3 -1.87 13.61 12.09
N VAL A 4 -2.87 13.61 11.22
CA VAL A 4 -3.30 14.84 10.56
C VAL A 4 -2.16 15.50 9.81
N ILE A 5 -1.63 14.79 8.82
CA ILE A 5 -0.52 15.32 8.02
C ILE A 5 -0.58 14.79 6.59
N LEU A 6 -0.70 15.71 5.64
CA LEU A 6 -0.77 15.34 4.23
C LEU A 6 0.61 14.97 3.69
N ASP A 7 0.73 13.73 3.21
CA ASP A 7 1.98 13.24 2.67
C ASP A 7 1.77 12.55 1.32
N THR A 8 2.11 13.24 0.24
CA THR A 8 1.96 12.70 -1.10
C THR A 8 3.32 12.45 -1.76
N SER A 9 4.35 12.36 -0.94
CA SER A 9 5.70 12.14 -1.44
C SER A 9 6.49 11.24 -0.50
N GLU A 10 5.79 10.29 0.13
CA GLU A 10 6.42 9.36 1.06
C GLU A 10 5.85 7.96 0.89
N LEU A 11 5.93 7.43 -0.32
CA LEU A 11 5.42 6.09 -0.61
C LEU A 11 6.12 5.05 0.26
N VAL A 12 5.38 4.00 0.61
CA VAL A 12 5.92 2.93 1.44
C VAL A 12 5.90 1.59 0.69
N THR A 13 7.00 0.86 0.75
CA THR A 13 7.11 -0.43 0.08
C THR A 13 6.48 -1.54 0.93
N VAL A 14 5.48 -2.20 0.36
CA VAL A 14 4.79 -3.29 1.05
C VAL A 14 4.46 -4.43 0.10
N VAL A 15 4.80 -5.64 0.52
CA VAL A 15 4.55 -6.83 -0.30
C VAL A 15 3.45 -7.70 0.32
N ALA A 16 2.48 -8.09 -0.50
CA ALA A 16 1.38 -8.91 -0.03
C ALA A 16 1.85 -10.33 0.28
N LEU A 17 1.29 -10.93 1.32
CA LEU A 17 1.66 -12.28 1.72
C LEU A 17 0.62 -13.29 1.26
N VAL A 18 -0.58 -12.80 0.98
CA VAL A 18 -1.68 -13.65 0.52
C VAL A 18 -2.51 -12.96 -0.54
N LYS A 19 -3.19 -13.75 -1.37
CA LYS A 19 -4.03 -13.20 -2.43
C LYS A 19 -5.03 -12.20 -1.87
N LEU A 20 -4.74 -10.92 -2.07
CA LEU A 20 -5.61 -9.85 -1.59
C LEU A 20 -5.75 -8.75 -2.63
N HIS A 21 -6.95 -8.18 -2.72
CA HIS A 21 -7.21 -7.11 -3.68
C HIS A 21 -7.11 -5.74 -3.01
N THR A 22 -6.01 -5.03 -3.28
CA THR A 22 -5.80 -3.72 -2.70
C THR A 22 -5.92 -2.63 -3.75
N ASP A 23 -6.41 -1.47 -3.34
CA ASP A 23 -6.58 -0.34 -4.25
C ASP A 23 -5.57 0.77 -3.93
N ALA A 24 -4.41 0.69 -4.56
CA ALA A 24 -3.36 1.69 -4.35
C ALA A 24 -2.83 2.21 -5.68
N LEU A 25 -2.93 3.52 -5.88
CA LEU A 25 -2.45 4.14 -7.12
C LEU A 25 -1.07 4.75 -6.92
N HIS A 26 -0.11 4.31 -7.73
CA HIS A 26 1.25 4.81 -7.65
C HIS A 26 1.27 6.35 -7.70
N ALA A 27 1.88 6.96 -6.70
CA ALA A 27 1.96 8.41 -6.63
C ALA A 27 3.24 8.92 -7.30
N THR A 28 4.36 8.28 -6.99
CA THR A 28 5.65 8.66 -7.58
C THR A 28 5.82 8.07 -8.96
N ARG A 29 5.26 6.88 -9.17
CA ARG A 29 5.36 6.20 -10.46
C ARG A 29 4.01 6.19 -11.17
N ASP A 30 3.96 5.55 -12.33
CA ASP A 30 2.72 5.47 -13.11
C ASP A 30 2.28 4.02 -13.27
N GLU A 31 1.64 3.48 -12.24
CA GLU A 31 1.16 2.11 -12.25
C GLU A 31 0.15 1.86 -11.14
N PRO A 32 -1.14 1.81 -11.50
CA PRO A 32 -2.22 1.58 -10.55
C PRO A 32 -2.23 0.16 -10.00
N VAL A 33 -2.79 -0.01 -8.80
CA VAL A 33 -2.84 -1.32 -8.17
C VAL A 33 -4.27 -1.66 -7.75
N ALA A 34 -4.82 -2.71 -8.33
CA ALA A 34 -6.18 -3.15 -8.02
C ALA A 34 -6.17 -4.51 -7.35
N PHE A 35 -5.10 -5.26 -7.55
CA PHE A 35 -4.98 -6.60 -6.96
C PHE A 35 -3.52 -7.03 -6.90
N VAL A 36 -3.09 -7.48 -5.72
CA VAL A 36 -1.71 -7.93 -5.53
C VAL A 36 -1.67 -9.41 -5.20
N LEU A 37 -0.50 -10.02 -5.43
CA LEU A 37 -0.32 -11.45 -5.16
C LEU A 37 0.68 -11.65 -4.02
N PRO A 38 0.66 -12.87 -3.44
CA PRO A 38 1.56 -13.23 -2.34
C PRO A 38 3.02 -13.35 -2.80
N GLY A 39 3.72 -12.23 -2.81
CA GLY A 39 5.12 -12.23 -3.21
C GLY A 39 5.48 -11.01 -4.02
N THR A 40 4.49 -10.18 -4.34
CA THR A 40 4.72 -8.97 -5.11
C THR A 40 4.82 -7.75 -4.20
N ALA A 41 5.82 -6.91 -4.45
CA ALA A 41 6.03 -5.71 -3.65
C ALA A 41 5.39 -4.50 -4.31
N PHE A 42 4.37 -3.94 -3.67
CA PHE A 42 3.66 -2.78 -4.19
C PHE A 42 3.79 -1.59 -3.25
N ARG A 43 4.03 -0.41 -3.81
CA ARG A 43 4.16 0.80 -3.01
C ARG A 43 2.81 1.46 -2.77
N VAL A 44 2.58 1.88 -1.53
CA VAL A 44 1.32 2.52 -1.17
C VAL A 44 1.56 3.73 -0.27
N SER A 45 0.48 4.42 0.09
CA SER A 45 0.57 5.59 0.94
C SER A 45 0.94 5.20 2.37
N ALA A 46 1.47 6.17 3.12
CA ALA A 46 1.86 5.92 4.50
C ALA A 46 0.66 5.52 5.36
N GLY A 47 -0.50 6.06 5.03
CA GLY A 47 -1.71 5.75 5.78
C GLY A 47 -2.32 4.42 5.37
N VAL A 48 -2.22 4.11 4.08
CA VAL A 48 -2.77 2.86 3.55
C VAL A 48 -2.03 1.66 4.12
N ALA A 49 -0.70 1.70 4.04
CA ALA A 49 0.13 0.61 4.54
C ALA A 49 -0.23 0.26 5.99
N ALA A 50 -0.46 1.29 6.80
CA ALA A 50 -0.81 1.10 8.20
C ALA A 50 -1.98 0.13 8.34
N GLU A 51 -2.99 0.29 7.48
CA GLU A 51 -4.16 -0.57 7.51
C GLU A 51 -3.86 -1.93 6.90
N MET A 52 -3.25 -1.91 5.71
CA MET A 52 -2.89 -3.15 5.02
C MET A 52 -2.10 -4.09 5.93
N THR A 53 -1.02 -3.57 6.49
CA THR A 53 -0.17 -4.35 7.39
C THR A 53 -0.93 -4.75 8.65
N GLU A 54 -1.84 -3.88 9.08
CA GLU A 54 -2.63 -4.15 10.28
C GLU A 54 -3.62 -5.29 10.04
N ARG A 55 -3.98 -5.50 8.78
CA ARG A 55 -4.91 -6.56 8.42
C ARG A 55 -4.26 -7.93 8.56
N GLY A 56 -2.94 -7.98 8.41
CA GLY A 56 -2.21 -9.23 8.52
C GLY A 56 -2.19 -9.99 7.22
N LEU A 57 -2.39 -9.29 6.11
CA LEU A 57 -2.40 -9.92 4.80
C LEU A 57 -1.15 -9.54 4.01
N ALA A 58 -0.63 -8.35 4.27
CA ALA A 58 0.57 -7.87 3.59
C ALA A 58 1.66 -7.51 4.60
N ARG A 59 2.91 -7.63 4.18
CA ARG A 59 4.04 -7.31 5.04
C ARG A 59 4.95 -6.27 4.39
N MET A 60 5.23 -5.20 5.12
CA MET A 60 6.09 -4.12 4.62
C MET A 60 7.41 -4.70 4.09
N GLN A 61 7.82 -4.21 2.92
CA GLN A 61 9.06 -4.67 2.30
C GLN A 61 10.18 -3.65 2.52
N PRO A 1 -8.20 16.69 16.39
CA PRO A 1 -7.11 16.00 15.71
C PRO A 1 -6.63 14.76 16.47
N ASP A 2 -5.52 14.19 16.01
CA ASP A 2 -4.96 13.00 16.65
C ASP A 2 -3.56 12.72 16.14
N THR A 3 -3.36 12.92 14.83
CA THR A 3 -2.07 12.68 14.20
C THR A 3 -1.45 13.98 13.71
N VAL A 4 -2.20 14.73 12.92
CA VAL A 4 -1.72 16.00 12.39
C VAL A 4 -0.47 15.80 11.55
N ILE A 5 -0.52 14.83 10.64
CA ILE A 5 0.61 14.54 9.77
C ILE A 5 0.18 14.47 8.31
N LEU A 6 0.72 15.37 7.49
CA LEU A 6 0.39 15.40 6.07
C LEU A 6 1.60 15.02 5.21
N ASP A 7 1.38 14.08 4.30
CA ASP A 7 2.46 13.62 3.42
C ASP A 7 1.88 13.02 2.14
N THR A 8 2.18 13.66 1.01
CA THR A 8 1.69 13.19 -0.28
C THR A 8 2.85 12.83 -1.20
N SER A 9 4.01 12.58 -0.62
CA SER A 9 5.20 12.22 -1.39
C SER A 9 6.10 11.28 -0.59
N GLU A 10 5.48 10.42 0.21
CA GLU A 10 6.22 9.47 1.03
C GLU A 10 5.66 8.06 0.86
N LEU A 11 5.78 7.52 -0.35
CA LEU A 11 5.27 6.18 -0.64
C LEU A 11 5.99 5.13 0.22
N VAL A 12 5.27 4.07 0.56
CA VAL A 12 5.84 3.00 1.38
C VAL A 12 5.79 1.67 0.64
N THR A 13 6.91 0.94 0.68
CA THR A 13 7.00 -0.36 0.01
C THR A 13 6.41 -1.46 0.88
N VAL A 14 5.44 -2.19 0.32
CA VAL A 14 4.79 -3.28 1.03
C VAL A 14 4.43 -4.42 0.09
N VAL A 15 4.78 -5.64 0.50
CA VAL A 15 4.50 -6.82 -0.31
C VAL A 15 3.40 -7.67 0.32
N ALA A 16 2.43 -8.06 -0.49
CA ALA A 16 1.32 -8.88 -0.02
C ALA A 16 1.78 -10.30 0.30
N LEU A 17 1.19 -10.89 1.34
CA LEU A 17 1.54 -12.25 1.75
C LEU A 17 0.48 -13.24 1.29
N VAL A 18 -0.70 -12.74 0.97
CA VAL A 18 -1.80 -13.58 0.51
C VAL A 18 -2.63 -12.88 -0.56
N LYS A 19 -3.30 -13.68 -1.39
CA LYS A 19 -4.13 -13.13 -2.46
C LYS A 19 -5.13 -12.11 -1.91
N LEU A 20 -4.82 -10.83 -2.10
CA LEU A 20 -5.69 -9.76 -1.63
C LEU A 20 -5.80 -8.65 -2.68
N HIS A 21 -7.00 -8.11 -2.81
CA HIS A 21 -7.25 -7.04 -3.77
C HIS A 21 -7.15 -5.67 -3.11
N THR A 22 -6.05 -4.97 -3.37
CA THR A 22 -5.81 -3.65 -2.80
C THR A 22 -5.91 -2.56 -3.86
N ASP A 23 -6.42 -1.40 -3.48
CA ASP A 23 -6.56 -0.28 -4.40
C ASP A 23 -5.56 0.83 -4.07
N ALA A 24 -4.37 0.75 -4.66
CA ALA A 24 -3.34 1.74 -4.43
C ALA A 24 -2.76 2.26 -5.74
N LEU A 25 -2.96 3.55 -6.00
CA LEU A 25 -2.46 4.16 -7.23
C LEU A 25 -1.07 4.76 -7.02
N HIS A 26 -0.11 4.31 -7.81
CA HIS A 26 1.26 4.81 -7.71
C HIS A 26 1.28 6.33 -7.77
N ALA A 27 1.90 6.95 -6.77
CA ALA A 27 2.01 8.39 -6.70
C ALA A 27 3.27 8.89 -7.39
N THR A 28 4.40 8.24 -7.09
CA THR A 28 5.68 8.61 -7.67
C THR A 28 5.84 8.01 -9.06
N ARG A 29 5.40 6.76 -9.21
CA ARG A 29 5.50 6.08 -10.50
C ARG A 29 4.17 6.09 -11.24
N ASP A 30 4.12 5.45 -12.40
CA ASP A 30 2.91 5.39 -13.20
C ASP A 30 2.44 3.94 -13.35
N GLU A 31 1.77 3.43 -12.33
CA GLU A 31 1.26 2.06 -12.35
C GLU A 31 0.24 1.84 -11.25
N PRO A 32 -1.04 1.80 -11.62
CA PRO A 32 -2.15 1.59 -10.67
C PRO A 32 -2.17 0.18 -10.12
N VAL A 33 -2.73 0.02 -8.92
CA VAL A 33 -2.82 -1.29 -8.29
C VAL A 33 -4.26 -1.61 -7.89
N ALA A 34 -4.79 -2.70 -8.44
CA ALA A 34 -6.14 -3.12 -8.15
C ALA A 34 -6.16 -4.48 -7.46
N PHE A 35 -5.09 -5.24 -7.64
CA PHE A 35 -4.98 -6.57 -7.03
C PHE A 35 -3.53 -7.02 -6.95
N VAL A 36 -3.12 -7.44 -5.76
CA VAL A 36 -1.74 -7.89 -5.54
C VAL A 36 -1.70 -9.38 -5.20
N LEU A 37 -0.55 -9.99 -5.41
CA LEU A 37 -0.37 -11.41 -5.13
C LEU A 37 0.61 -11.62 -3.99
N PRO A 38 0.59 -12.82 -3.40
CA PRO A 38 1.48 -13.18 -2.29
C PRO A 38 2.93 -13.32 -2.73
N GLY A 39 3.64 -12.18 -2.78
CA GLY A 39 5.03 -12.20 -3.18
C GLY A 39 5.41 -10.98 -3.98
N THR A 40 4.42 -10.17 -4.33
CA THR A 40 4.65 -8.96 -5.10
C THR A 40 4.76 -7.73 -4.19
N ALA A 41 5.76 -6.90 -4.44
CA ALA A 41 5.96 -5.69 -3.65
C ALA A 41 5.34 -4.48 -4.32
N PHE A 42 4.34 -3.90 -3.66
CA PHE A 42 3.65 -2.73 -4.20
C PHE A 42 3.78 -1.54 -3.25
N ARG A 43 3.93 -0.35 -3.83
CA ARG A 43 4.06 0.86 -3.03
C ARG A 43 2.70 1.50 -2.77
N VAL A 44 2.48 1.93 -1.53
CA VAL A 44 1.21 2.56 -1.16
C VAL A 44 1.44 3.76 -0.26
N SER A 45 0.36 4.44 0.11
CA SER A 45 0.45 5.62 0.97
C SER A 45 0.85 5.23 2.38
N ALA A 46 1.37 6.20 3.13
CA ALA A 46 1.78 5.96 4.51
C ALA A 46 0.60 5.54 5.38
N GLY A 47 -0.57 6.07 5.06
CA GLY A 47 -1.76 5.74 5.83
C GLY A 47 -2.36 4.41 5.42
N VAL A 48 -2.28 4.09 4.14
CA VAL A 48 -2.82 2.84 3.62
C VAL A 48 -2.05 1.65 4.17
N ALA A 49 -0.73 1.70 4.08
CA ALA A 49 0.12 0.62 4.58
C ALA A 49 -0.22 0.27 6.02
N ALA A 50 -0.54 1.29 6.81
CA ALA A 50 -0.89 1.09 8.21
C ALA A 50 -1.99 0.03 8.36
N GLU A 51 -2.99 0.11 7.49
CA GLU A 51 -4.09 -0.84 7.53
C GLU A 51 -3.69 -2.18 6.94
N MET A 52 -2.86 -2.13 5.89
CA MET A 52 -2.39 -3.34 5.22
C MET A 52 -1.64 -4.24 6.20
N THR A 53 -0.63 -3.68 6.86
CA THR A 53 0.18 -4.43 7.82
C THR A 53 -0.66 -4.81 9.04
N GLU A 54 -1.65 -3.99 9.36
CA GLU A 54 -2.52 -4.25 10.51
C GLU A 54 -3.54 -5.34 10.17
N ARG A 55 -3.80 -5.53 8.89
CA ARG A 55 -4.76 -6.54 8.44
C ARG A 55 -4.15 -7.94 8.52
N GLY A 56 -2.82 -8.00 8.44
CA GLY A 56 -2.14 -9.29 8.50
C GLY A 56 -2.14 -10.00 7.17
N LEU A 57 -2.44 -9.28 6.10
CA LEU A 57 -2.48 -9.85 4.77
C LEU A 57 -1.25 -9.44 3.96
N ALA A 58 -0.65 -8.32 4.33
CA ALA A 58 0.55 -7.83 3.66
C ALA A 58 1.64 -7.46 4.66
N ARG A 59 2.88 -7.49 4.20
CA ARG A 59 4.02 -7.16 5.05
C ARG A 59 4.95 -6.17 4.36
N MET A 60 5.52 -5.25 5.14
CA MET A 60 6.44 -4.25 4.60
C MET A 60 7.77 -4.88 4.23
N GLN A 61 8.20 -4.66 2.99
CA GLN A 61 9.47 -5.21 2.51
C GLN A 61 10.64 -4.55 3.22
N PRO A 1 -7.13 17.88 16.39
CA PRO A 1 -5.96 17.24 15.79
C PRO A 1 -5.49 16.04 16.59
N ASP A 2 -4.32 15.51 16.23
CA ASP A 2 -3.75 14.35 16.91
C ASP A 2 -2.27 14.19 16.58
N THR A 3 -1.94 14.41 15.31
CA THR A 3 -0.55 14.30 14.85
C THR A 3 0.01 15.65 14.45
N VAL A 4 -0.70 16.34 13.57
CA VAL A 4 -0.28 17.65 13.10
C VAL A 4 1.09 17.58 12.41
N ILE A 5 1.24 16.60 11.52
CA ILE A 5 2.49 16.42 10.80
C ILE A 5 2.25 16.33 9.29
N LEU A 6 3.03 17.10 8.53
CA LEU A 6 2.90 17.10 7.07
C LEU A 6 3.34 15.77 6.48
N ASP A 7 2.39 15.05 5.89
CA ASP A 7 2.67 13.76 5.29
C ASP A 7 2.30 13.77 3.80
N THR A 8 3.25 14.17 2.97
CA THR A 8 3.03 14.23 1.53
C THR A 8 4.25 13.71 0.76
N SER A 9 3.99 13.10 -0.40
CA SER A 9 5.07 12.55 -1.22
C SER A 9 5.94 11.59 -0.41
N GLU A 10 5.31 10.58 0.17
CA GLU A 10 6.02 9.59 0.98
C GLU A 10 5.41 8.21 0.80
N LEU A 11 5.76 7.53 -0.29
CA LEU A 11 5.24 6.20 -0.57
C LEU A 11 5.96 5.16 0.28
N VAL A 12 5.24 4.10 0.64
CA VAL A 12 5.82 3.02 1.45
C VAL A 12 5.77 1.69 0.69
N THR A 13 6.89 0.97 0.72
CA THR A 13 6.97 -0.32 0.05
C THR A 13 6.38 -1.44 0.90
N VAL A 14 5.39 -2.14 0.36
CA VAL A 14 4.74 -3.22 1.07
C VAL A 14 4.39 -4.37 0.12
N VAL A 15 4.71 -5.60 0.54
CA VAL A 15 4.43 -6.77 -0.26
C VAL A 15 3.35 -7.64 0.39
N ALA A 16 2.36 -8.03 -0.40
CA ALA A 16 1.27 -8.86 0.09
C ALA A 16 1.77 -10.27 0.42
N LEU A 17 1.06 -10.94 1.33
CA LEU A 17 1.43 -12.29 1.73
C LEU A 17 0.40 -13.31 1.25
N VAL A 18 -0.74 -12.80 0.77
CA VAL A 18 -1.81 -13.66 0.28
C VAL A 18 -2.66 -12.93 -0.76
N LYS A 19 -3.38 -13.70 -1.57
CA LYS A 19 -4.24 -13.12 -2.60
C LYS A 19 -5.20 -12.11 -1.99
N LEU A 20 -4.92 -10.83 -2.22
CA LEU A 20 -5.76 -9.76 -1.70
C LEU A 20 -5.98 -8.67 -2.75
N HIS A 21 -7.17 -8.09 -2.75
CA HIS A 21 -7.51 -7.04 -3.71
C HIS A 21 -7.31 -5.66 -3.09
N THR A 22 -6.25 -4.98 -3.48
CA THR A 22 -5.94 -3.65 -2.96
C THR A 22 -5.99 -2.60 -4.07
N ASP A 23 -6.41 -1.39 -3.72
CA ASP A 23 -6.49 -0.30 -4.68
C ASP A 23 -5.49 0.80 -4.33
N ALA A 24 -4.29 0.68 -4.87
CA ALA A 24 -3.24 1.67 -4.62
C ALA A 24 -2.64 2.17 -5.94
N LEU A 25 -2.87 3.44 -6.24
CA LEU A 25 -2.35 4.05 -7.46
C LEU A 25 -0.97 4.64 -7.22
N HIS A 26 0.00 4.19 -8.01
CA HIS A 26 1.38 4.68 -7.89
C HIS A 26 1.41 6.20 -7.96
N ALA A 27 2.04 6.81 -6.96
CA ALA A 27 2.15 8.26 -6.90
C ALA A 27 3.44 8.75 -7.55
N THR A 28 4.55 8.09 -7.21
CA THR A 28 5.85 8.45 -7.76
C THR A 28 6.07 7.82 -9.13
N ARG A 29 5.48 6.65 -9.33
CA ARG A 29 5.61 5.94 -10.59
C ARG A 29 4.28 5.95 -11.35
N ASP A 30 4.27 5.28 -12.51
CA ASP A 30 3.07 5.21 -13.33
C ASP A 30 2.60 3.77 -13.49
N GLU A 31 1.90 3.27 -12.47
CA GLU A 31 1.40 1.90 -12.48
C GLU A 31 0.34 1.69 -11.40
N PRO A 32 -0.93 1.66 -11.82
CA PRO A 32 -2.06 1.47 -10.90
C PRO A 32 -2.10 0.06 -10.33
N VAL A 33 -2.78 -0.09 -9.19
CA VAL A 33 -2.90 -1.39 -8.54
C VAL A 33 -4.36 -1.69 -8.18
N ALA A 34 -4.80 -2.89 -8.52
CA ALA A 34 -6.18 -3.31 -8.23
C ALA A 34 -6.20 -4.57 -7.38
N PHE A 35 -5.22 -5.44 -7.59
CA PHE A 35 -5.13 -6.69 -6.85
C PHE A 35 -3.68 -7.16 -6.75
N VAL A 36 -3.23 -7.40 -5.52
CA VAL A 36 -1.86 -7.86 -5.29
C VAL A 36 -1.83 -9.34 -4.93
N LEU A 37 -0.73 -10.00 -5.26
CA LEU A 37 -0.56 -11.41 -4.96
C LEU A 37 0.53 -11.65 -3.93
N PRO A 38 0.57 -12.87 -3.36
CA PRO A 38 1.56 -13.24 -2.36
C PRO A 38 2.96 -13.35 -2.93
N GLY A 39 3.71 -12.24 -2.89
CA GLY A 39 5.06 -12.25 -3.41
C GLY A 39 5.36 -11.00 -4.23
N THR A 40 4.38 -10.13 -4.36
CA THR A 40 4.54 -8.90 -5.12
C THR A 40 4.68 -7.69 -4.21
N ALA A 41 5.63 -6.83 -4.52
CA ALA A 41 5.87 -5.63 -3.72
C ALA A 41 5.22 -4.40 -4.36
N PHE A 42 4.23 -3.83 -3.67
CA PHE A 42 3.54 -2.65 -4.17
C PHE A 42 3.69 -1.48 -3.21
N ARG A 43 3.83 -0.28 -3.77
CA ARG A 43 3.97 0.93 -2.96
C ARG A 43 2.62 1.58 -2.70
N VAL A 44 2.40 1.98 -1.45
CA VAL A 44 1.14 2.62 -1.07
C VAL A 44 1.39 3.81 -0.16
N SER A 45 0.32 4.49 0.24
CA SER A 45 0.42 5.66 1.11
C SER A 45 0.84 5.24 2.52
N ALA A 46 1.36 6.20 3.28
CA ALA A 46 1.79 5.94 4.65
C ALA A 46 0.63 5.51 5.52
N GLY A 47 -0.56 6.04 5.23
CA GLY A 47 -1.73 5.70 6.00
C GLY A 47 -2.34 4.38 5.58
N VAL A 48 -2.28 4.08 4.29
CA VAL A 48 -2.82 2.83 3.76
C VAL A 48 -2.05 1.63 4.30
N ALA A 49 -0.73 1.69 4.19
CA ALA A 49 0.12 0.61 4.66
C ALA A 49 -0.20 0.24 6.11
N ALA A 50 -0.52 1.25 6.91
CA ALA A 50 -0.85 1.03 8.31
C ALA A 50 -1.93 -0.05 8.46
N GLU A 51 -2.94 0.00 7.59
CA GLU A 51 -4.02 -0.97 7.62
C GLU A 51 -3.57 -2.31 7.05
N MET A 52 -2.90 -2.26 5.90
CA MET A 52 -2.42 -3.47 5.24
C MET A 52 -1.63 -4.33 6.21
N THR A 53 -0.64 -3.73 6.87
CA THR A 53 0.19 -4.45 7.82
C THR A 53 -0.60 -4.82 9.08
N GLU A 54 -1.59 -4.00 9.40
CA GLU A 54 -2.42 -4.24 10.57
C GLU A 54 -3.36 -5.42 10.35
N ARG A 55 -3.66 -5.68 9.09
CA ARG A 55 -4.55 -6.78 8.73
C ARG A 55 -3.79 -8.11 8.66
N GLY A 56 -2.48 -8.02 8.46
CA GLY A 56 -1.65 -9.20 8.37
C GLY A 56 -1.65 -9.82 6.98
N LEU A 57 -2.43 -9.23 6.09
CA LEU A 57 -2.53 -9.72 4.71
C LEU A 57 -1.30 -9.31 3.90
N ALA A 58 -0.64 -8.25 4.34
CA ALA A 58 0.56 -7.76 3.65
C ALA A 58 1.63 -7.34 4.66
N ARG A 59 2.89 -7.43 4.25
CA ARG A 59 4.01 -7.06 5.11
C ARG A 59 4.92 -6.07 4.41
N MET A 60 5.47 -5.13 5.17
CA MET A 60 6.36 -4.12 4.63
C MET A 60 7.69 -4.75 4.20
N GLN A 61 8.10 -4.46 2.96
CA GLN A 61 9.35 -5.00 2.43
C GLN A 61 10.55 -4.28 3.02
N PRO A 1 -9.85 8.69 12.40
CA PRO A 1 -9.44 9.79 11.52
C PRO A 1 -9.88 11.15 12.04
N ASP A 2 -9.66 12.18 11.23
CA ASP A 2 -10.03 13.54 11.60
C ASP A 2 -10.02 14.46 10.39
N THR A 3 -9.03 14.28 9.52
CA THR A 3 -8.91 15.10 8.32
C THR A 3 -9.14 14.27 7.06
N VAL A 4 -8.40 13.17 6.95
CA VAL A 4 -8.52 12.29 5.79
C VAL A 4 -8.20 13.03 4.50
N ILE A 5 -7.10 13.76 4.50
CA ILE A 5 -6.68 14.51 3.32
C ILE A 5 -5.22 14.22 2.97
N LEU A 6 -4.98 13.80 1.73
CA LEU A 6 -3.64 13.49 1.27
C LEU A 6 -2.83 14.77 1.05
N ASP A 7 -1.95 15.06 1.99
CA ASP A 7 -1.11 16.26 1.90
C ASP A 7 0.36 15.91 2.12
N THR A 8 0.77 14.75 1.62
CA THR A 8 2.15 14.30 1.76
C THR A 8 2.58 13.46 0.56
N SER A 9 3.84 13.02 0.59
CA SER A 9 4.38 12.21 -0.50
C SER A 9 5.49 11.30 0.00
N GLU A 10 5.10 10.28 0.76
CA GLU A 10 6.06 9.33 1.31
C GLU A 10 5.64 7.89 1.01
N LEU A 11 5.84 7.46 -0.23
CA LEU A 11 5.48 6.10 -0.63
C LEU A 11 6.17 5.06 0.25
N VAL A 12 5.52 3.93 0.44
CA VAL A 12 6.07 2.84 1.25
C VAL A 12 6.01 1.51 0.51
N THR A 13 7.10 0.75 0.60
CA THR A 13 7.18 -0.55 -0.06
C THR A 13 6.55 -1.63 0.79
N VAL A 14 5.53 -2.29 0.26
CA VAL A 14 4.84 -3.36 0.97
C VAL A 14 4.50 -4.52 0.04
N VAL A 15 4.81 -5.73 0.47
CA VAL A 15 4.53 -6.93 -0.33
C VAL A 15 3.43 -7.76 0.30
N ALA A 16 2.46 -8.17 -0.51
CA ALA A 16 1.34 -8.98 -0.03
C ALA A 16 1.79 -10.40 0.26
N LEU A 17 1.31 -10.95 1.38
CA LEU A 17 1.67 -12.31 1.78
C LEU A 17 0.64 -13.31 1.27
N VAL A 18 -0.60 -12.84 1.11
CA VAL A 18 -1.68 -13.70 0.63
C VAL A 18 -2.50 -12.99 -0.45
N LYS A 19 -3.13 -13.77 -1.31
CA LYS A 19 -3.96 -13.23 -2.39
C LYS A 19 -4.98 -12.25 -1.84
N LEU A 20 -4.75 -10.97 -2.08
CA LEU A 20 -5.65 -9.92 -1.62
C LEU A 20 -5.77 -8.80 -2.65
N HIS A 21 -6.97 -8.25 -2.77
CA HIS A 21 -7.22 -7.16 -3.72
C HIS A 21 -7.12 -5.81 -3.04
N THR A 22 -6.02 -5.11 -3.30
CA THR A 22 -5.80 -3.79 -2.72
C THR A 22 -5.90 -2.70 -3.77
N ASP A 23 -6.46 -1.56 -3.37
CA ASP A 23 -6.62 -0.42 -4.28
C ASP A 23 -5.62 0.69 -3.95
N ALA A 24 -4.45 0.61 -4.55
CA ALA A 24 -3.41 1.61 -4.32
C ALA A 24 -2.86 2.15 -5.63
N LEU A 25 -2.98 3.46 -5.82
CA LEU A 25 -2.49 4.11 -7.04
C LEU A 25 -1.12 4.74 -6.82
N HIS A 26 -0.14 4.31 -7.62
CA HIS A 26 1.20 4.84 -7.52
C HIS A 26 1.20 6.36 -7.57
N ALA A 27 1.77 6.98 -6.54
CA ALA A 27 1.84 8.44 -6.47
C ALA A 27 3.11 8.96 -7.12
N THR A 28 4.24 8.34 -6.80
CA THR A 28 5.52 8.73 -7.36
C THR A 28 5.73 8.14 -8.74
N ARG A 29 5.27 6.92 -8.93
CA ARG A 29 5.41 6.24 -10.22
C ARG A 29 4.08 6.22 -10.97
N ASP A 30 4.07 5.57 -12.13
CA ASP A 30 2.86 5.48 -12.95
C ASP A 30 2.43 4.03 -13.11
N GLU A 31 1.75 3.50 -12.10
CA GLU A 31 1.28 2.12 -12.14
C GLU A 31 0.25 1.87 -11.04
N PRO A 32 -1.03 1.82 -11.43
CA PRO A 32 -2.13 1.59 -10.50
C PRO A 32 -2.15 0.16 -9.96
N VAL A 33 -2.75 -0.02 -8.78
CA VAL A 33 -2.82 -1.33 -8.16
C VAL A 33 -4.26 -1.66 -7.76
N ALA A 34 -4.81 -2.72 -8.33
CA ALA A 34 -6.17 -3.14 -8.03
C ALA A 34 -6.18 -4.51 -7.37
N PHE A 35 -5.12 -5.29 -7.58
CA PHE A 35 -5.02 -6.62 -7.01
C PHE A 35 -3.56 -7.07 -6.94
N VAL A 36 -3.15 -7.53 -5.77
CA VAL A 36 -1.77 -8.00 -5.57
C VAL A 36 -1.74 -9.50 -5.25
N LEU A 37 -0.58 -10.11 -5.48
CA LEU A 37 -0.41 -11.53 -5.22
C LEU A 37 0.57 -11.76 -4.08
N PRO A 38 0.54 -12.98 -3.50
CA PRO A 38 1.43 -13.36 -2.40
C PRO A 38 2.88 -13.50 -2.85
N GLY A 39 3.61 -12.39 -2.82
CA GLY A 39 5.01 -12.40 -3.22
C GLY A 39 5.39 -11.19 -4.04
N THR A 40 4.41 -10.34 -4.33
CA THR A 40 4.65 -9.13 -5.12
C THR A 40 4.78 -7.91 -4.22
N ALA A 41 5.77 -7.09 -4.50
CA ALA A 41 6.00 -5.88 -3.73
C ALA A 41 5.36 -4.66 -4.39
N PHE A 42 4.33 -4.12 -3.76
CA PHE A 42 3.62 -2.96 -4.29
C PHE A 42 3.77 -1.76 -3.35
N ARG A 43 4.08 -0.61 -3.93
CA ARG A 43 4.26 0.61 -3.15
C ARG A 43 2.92 1.31 -2.92
N VAL A 44 2.69 1.74 -1.69
CA VAL A 44 1.45 2.43 -1.34
C VAL A 44 1.73 3.65 -0.47
N SER A 45 0.66 4.38 -0.13
CA SER A 45 0.78 5.58 0.68
C SER A 45 1.16 5.23 2.12
N ALA A 46 1.71 6.19 2.85
CA ALA A 46 2.10 5.98 4.23
C ALA A 46 0.90 5.62 5.10
N GLY A 47 -0.25 6.18 4.76
CA GLY A 47 -1.46 5.90 5.52
C GLY A 47 -2.10 4.58 5.13
N VAL A 48 -2.02 4.25 3.84
CA VAL A 48 -2.60 3.00 3.34
C VAL A 48 -1.88 1.79 3.94
N ALA A 49 -0.56 1.80 3.88
CA ALA A 49 0.24 0.71 4.41
C ALA A 49 -0.15 0.40 5.85
N ALA A 50 -0.34 1.45 6.65
CA ALA A 50 -0.72 1.29 8.04
C ALA A 50 -1.93 0.35 8.19
N GLU A 51 -2.88 0.51 7.28
CA GLU A 51 -4.09 -0.32 7.30
C GLU A 51 -3.80 -1.73 6.78
N MET A 52 -3.18 -1.80 5.61
CA MET A 52 -2.84 -3.08 4.99
C MET A 52 -2.06 -3.96 5.97
N THR A 53 -0.97 -3.42 6.50
CA THR A 53 -0.13 -4.16 7.44
C THR A 53 -0.91 -4.51 8.71
N GLU A 54 -1.87 -3.66 9.06
CA GLU A 54 -2.69 -3.88 10.24
C GLU A 54 -3.67 -5.04 10.02
N ARG A 55 -3.97 -5.32 8.75
CA ARG A 55 -4.89 -6.39 8.41
C ARG A 55 -4.23 -7.75 8.58
N GLY A 56 -2.91 -7.79 8.40
CA GLY A 56 -2.17 -9.03 8.53
C GLY A 56 -2.15 -9.83 7.25
N LEU A 57 -2.42 -9.16 6.13
CA LEU A 57 -2.43 -9.82 4.83
C LEU A 57 -1.19 -9.46 4.03
N ALA A 58 -0.61 -8.30 4.33
CA ALA A 58 0.60 -7.85 3.63
C ALA A 58 1.69 -7.46 4.63
N ARG A 59 2.94 -7.61 4.21
CA ARG A 59 4.07 -7.28 5.06
C ARG A 59 5.00 -6.27 4.38
N MET A 60 5.30 -5.18 5.08
CA MET A 60 6.16 -4.15 4.54
C MET A 60 7.47 -4.74 4.02
N GLN A 61 7.89 -4.30 2.85
CA GLN A 61 9.13 -4.79 2.24
C GLN A 61 10.28 -3.83 2.52
N PRO A 1 -12.19 18.66 12.33
CA PRO A 1 -11.68 18.63 10.95
C PRO A 1 -12.16 19.84 10.15
N ASP A 2 -11.89 19.82 8.84
CA ASP A 2 -12.28 20.92 7.96
C ASP A 2 -11.90 20.62 6.52
N THR A 3 -10.77 19.96 6.34
CA THR A 3 -10.28 19.61 5.01
C THR A 3 -10.07 18.11 4.88
N VAL A 4 -9.50 17.50 5.91
CA VAL A 4 -9.24 16.07 5.91
C VAL A 4 -8.36 15.67 4.73
N ILE A 5 -7.14 16.20 4.70
CA ILE A 5 -6.20 15.90 3.64
C ILE A 5 -4.76 15.92 4.14
N LEU A 6 -4.14 14.75 4.19
CA LEU A 6 -2.77 14.63 4.66
C LEU A 6 -1.91 13.87 3.66
N ASP A 7 -0.86 14.51 3.17
CA ASP A 7 0.04 13.87 2.21
C ASP A 7 1.37 14.61 2.14
N THR A 8 2.44 13.92 2.53
CA THR A 8 3.77 14.51 2.51
C THR A 8 4.65 13.86 1.45
N SER A 9 4.02 13.20 0.49
CA SER A 9 4.74 12.53 -0.59
C SER A 9 5.80 11.58 -0.03
N GLU A 10 5.36 10.42 0.44
CA GLU A 10 6.26 9.43 1.00
C GLU A 10 5.72 8.02 0.81
N LEU A 11 5.95 7.46 -0.37
CA LEU A 11 5.47 6.11 -0.67
C LEU A 11 6.16 5.07 0.20
N VAL A 12 5.45 4.00 0.51
CA VAL A 12 6.00 2.93 1.33
C VAL A 12 5.95 1.59 0.61
N THR A 13 7.07 0.86 0.66
CA THR A 13 7.15 -0.44 0.01
C THR A 13 6.52 -1.53 0.87
N VAL A 14 5.55 -2.24 0.30
CA VAL A 14 4.87 -3.31 1.02
C VAL A 14 4.50 -4.45 0.07
N VAL A 15 4.83 -5.67 0.47
CA VAL A 15 4.54 -6.85 -0.33
C VAL A 15 3.46 -7.70 0.32
N ALA A 16 2.47 -8.11 -0.48
CA ALA A 16 1.38 -8.93 0.03
C ALA A 16 1.86 -10.34 0.36
N LEU A 17 1.29 -10.93 1.40
CA LEU A 17 1.66 -12.27 1.82
C LEU A 17 0.63 -13.29 1.35
N VAL A 18 -0.57 -12.82 1.07
CA VAL A 18 -1.65 -13.69 0.60
C VAL A 18 -2.50 -13.00 -0.46
N LYS A 19 -3.18 -13.80 -1.27
CA LYS A 19 -4.03 -13.27 -2.33
C LYS A 19 -5.03 -12.25 -1.77
N LEU A 20 -4.74 -10.98 -1.98
CA LEU A 20 -5.62 -9.91 -1.49
C LEU A 20 -5.78 -8.82 -2.53
N HIS A 21 -6.98 -8.25 -2.62
CA HIS A 21 -7.26 -7.19 -3.58
C HIS A 21 -7.13 -5.82 -2.92
N THR A 22 -6.04 -5.12 -3.23
CA THR A 22 -5.81 -3.80 -2.68
C THR A 22 -5.94 -2.72 -3.74
N ASP A 23 -6.38 -1.53 -3.33
CA ASP A 23 -6.54 -0.42 -4.26
C ASP A 23 -5.56 0.70 -3.93
N ALA A 24 -4.37 0.64 -4.52
CA ALA A 24 -3.34 1.64 -4.29
C ALA A 24 -2.69 2.07 -5.60
N LEU A 25 -2.92 3.33 -5.99
CA LEU A 25 -2.36 3.85 -7.23
C LEU A 25 -0.99 4.47 -6.98
N HIS A 26 -0.06 4.27 -7.92
CA HIS A 26 1.28 4.82 -7.80
C HIS A 26 1.25 6.35 -7.79
N ALA A 27 1.96 6.94 -6.84
CA ALA A 27 2.02 8.39 -6.73
C ALA A 27 3.22 8.95 -7.49
N THR A 28 4.38 8.33 -7.31
CA THR A 28 5.59 8.78 -7.98
C THR A 28 5.72 8.17 -9.37
N ARG A 29 5.29 6.91 -9.51
CA ARG A 29 5.35 6.22 -10.78
C ARG A 29 3.98 6.20 -11.45
N ASP A 30 3.89 5.54 -12.60
CA ASP A 30 2.64 5.44 -13.34
C ASP A 30 2.20 3.99 -13.47
N GLU A 31 1.60 3.46 -12.41
CA GLU A 31 1.13 2.08 -12.41
C GLU A 31 0.17 1.83 -11.24
N PRO A 32 -1.14 1.78 -11.55
CA PRO A 32 -2.18 1.54 -10.54
C PRO A 32 -2.14 0.12 -10.00
N VAL A 33 -2.96 -0.13 -8.97
CA VAL A 33 -3.02 -1.45 -8.35
C VAL A 33 -4.44 -1.77 -7.90
N ALA A 34 -4.96 -2.89 -8.39
CA ALA A 34 -6.31 -3.32 -8.03
C ALA A 34 -6.29 -4.67 -7.32
N PHE A 35 -5.21 -5.42 -7.51
CA PHE A 35 -5.07 -6.73 -6.90
C PHE A 35 -3.61 -7.15 -6.84
N VAL A 36 -3.16 -7.57 -5.66
CA VAL A 36 -1.79 -8.00 -5.47
C VAL A 36 -1.70 -9.48 -5.13
N LEU A 37 -0.54 -10.08 -5.36
CA LEU A 37 -0.35 -11.50 -5.08
C LEU A 37 0.67 -11.69 -3.96
N PRO A 38 0.67 -12.90 -3.37
CA PRO A 38 1.58 -13.24 -2.28
C PRO A 38 3.03 -13.35 -2.74
N GLY A 39 3.72 -12.22 -2.78
CA GLY A 39 5.11 -12.21 -3.22
C GLY A 39 5.46 -10.98 -4.03
N THR A 40 4.45 -10.18 -4.36
CA THR A 40 4.66 -8.98 -5.13
C THR A 40 4.77 -7.74 -4.23
N ALA A 41 5.77 -6.92 -4.49
CA ALA A 41 5.98 -5.71 -3.69
C ALA A 41 5.33 -4.49 -4.36
N PHE A 42 4.33 -3.93 -3.70
CA PHE A 42 3.63 -2.77 -4.23
C PHE A 42 3.76 -1.58 -3.28
N ARG A 43 4.03 -0.40 -3.85
CA ARG A 43 4.19 0.81 -3.06
C ARG A 43 2.84 1.46 -2.79
N VAL A 44 2.63 1.88 -1.54
CA VAL A 44 1.37 2.51 -1.15
C VAL A 44 1.63 3.76 -0.31
N SER A 45 0.56 4.44 0.07
CA SER A 45 0.66 5.65 0.88
C SER A 45 0.97 5.30 2.34
N ALA A 46 1.69 6.19 3.01
CA ALA A 46 2.05 5.99 4.40
C ALA A 46 0.83 5.62 5.24
N GLY A 47 -0.31 6.22 4.91
CA GLY A 47 -1.54 5.94 5.64
C GLY A 47 -2.19 4.65 5.20
N VAL A 48 -1.96 4.27 3.94
CA VAL A 48 -2.54 3.05 3.40
C VAL A 48 -1.86 1.81 3.98
N ALA A 49 -0.53 1.81 3.96
CA ALA A 49 0.24 0.69 4.48
C ALA A 49 -0.20 0.35 5.91
N ALA A 50 -0.49 1.38 6.69
CA ALA A 50 -0.91 1.19 8.07
C ALA A 50 -2.05 0.18 8.16
N GLU A 51 -3.01 0.29 7.24
CA GLU A 51 -4.15 -0.60 7.21
C GLU A 51 -3.77 -1.97 6.67
N MET A 52 -3.01 -1.98 5.58
CA MET A 52 -2.57 -3.22 4.96
C MET A 52 -1.91 -4.14 5.98
N THR A 53 -0.90 -3.62 6.69
CA THR A 53 -0.19 -4.38 7.69
C THR A 53 -1.10 -4.73 8.86
N GLU A 54 -2.07 -3.87 9.13
CA GLU A 54 -3.00 -4.09 10.23
C GLU A 54 -3.98 -5.22 9.89
N ARG A 55 -4.17 -5.46 8.60
CA ARG A 55 -5.07 -6.50 8.14
C ARG A 55 -4.43 -7.88 8.32
N GLY A 56 -3.10 -7.92 8.31
CA GLY A 56 -2.41 -9.18 8.47
C GLY A 56 -2.34 -9.98 7.18
N LEU A 57 -2.50 -9.29 6.05
CA LEU A 57 -2.48 -9.94 4.75
C LEU A 57 -1.23 -9.53 3.97
N ALA A 58 -0.70 -8.37 4.29
CA ALA A 58 0.50 -7.87 3.62
C ALA A 58 1.56 -7.46 4.63
N ARG A 59 2.83 -7.48 4.20
CA ARG A 59 3.93 -7.11 5.08
C ARG A 59 4.91 -6.18 4.35
N MET A 60 5.52 -5.28 5.11
CA MET A 60 6.47 -4.32 4.54
C MET A 60 7.70 -5.04 4.02
N GLN A 61 8.25 -4.56 2.91
CA GLN A 61 9.44 -5.16 2.32
C GLN A 61 10.68 -4.81 3.12
N PRO A 1 -5.38 9.40 18.31
CA PRO A 1 -5.13 9.27 19.74
C PRO A 1 -3.68 8.90 20.05
N ASP A 2 -2.75 9.51 19.33
CA ASP A 2 -1.33 9.23 19.53
C ASP A 2 -0.48 10.16 18.66
N THR A 3 -0.54 9.97 17.34
CA THR A 3 0.22 10.77 16.40
C THR A 3 -0.59 11.97 15.93
N VAL A 4 -1.76 11.71 15.37
CA VAL A 4 -2.64 12.76 14.87
C VAL A 4 -1.95 13.57 13.79
N ILE A 5 -1.20 12.88 12.93
CA ILE A 5 -0.49 13.53 11.84
C ILE A 5 -0.95 13.00 10.48
N LEU A 6 -1.66 13.83 9.73
CA LEU A 6 -2.16 13.43 8.42
C LEU A 6 -1.02 13.45 7.39
N ASP A 7 -0.83 12.32 6.71
CA ASP A 7 0.20 12.21 5.69
C ASP A 7 -0.37 11.68 4.38
N THR A 8 -0.14 12.42 3.30
CA THR A 8 -0.64 12.03 1.99
C THR A 8 0.46 12.10 0.94
N SER A 9 1.72 12.09 1.39
CA SER A 9 2.86 12.16 0.50
C SER A 9 4.04 11.38 1.07
N GLU A 10 3.80 10.12 1.40
CA GLU A 10 4.84 9.26 1.97
C GLU A 10 4.71 7.83 1.45
N LEU A 11 5.23 7.59 0.25
CA LEU A 11 5.17 6.27 -0.37
C LEU A 11 5.92 5.25 0.49
N VAL A 12 5.36 4.05 0.58
CA VAL A 12 5.98 2.98 1.36
C VAL A 12 5.93 1.65 0.61
N THR A 13 7.04 0.91 0.65
CA THR A 13 7.13 -0.37 -0.03
C THR A 13 6.54 -1.48 0.83
N VAL A 14 5.52 -2.17 0.30
CA VAL A 14 4.88 -3.26 1.01
C VAL A 14 4.53 -4.40 0.07
N VAL A 15 4.82 -5.63 0.50
CA VAL A 15 4.54 -6.81 -0.31
C VAL A 15 3.44 -7.66 0.32
N ALA A 16 2.45 -8.05 -0.48
CA ALA A 16 1.36 -8.86 0.00
C ALA A 16 1.80 -10.28 0.31
N LEU A 17 1.23 -10.88 1.35
CA LEU A 17 1.59 -12.24 1.74
C LEU A 17 0.51 -13.23 1.28
N VAL A 18 -0.68 -12.72 1.00
CA VAL A 18 -1.78 -13.56 0.56
C VAL A 18 -2.61 -12.85 -0.51
N LYS A 19 -3.30 -13.63 -1.33
CA LYS A 19 -4.14 -13.08 -2.39
C LYS A 19 -5.12 -12.05 -1.83
N LEU A 20 -4.81 -10.78 -2.03
CA LEU A 20 -5.66 -9.70 -1.55
C LEU A 20 -5.79 -8.60 -2.60
N HIS A 21 -6.99 -8.02 -2.69
CA HIS A 21 -7.25 -6.95 -3.65
C HIS A 21 -7.11 -5.58 -2.99
N THR A 22 -6.01 -4.89 -3.28
CA THR A 22 -5.76 -3.58 -2.71
C THR A 22 -5.88 -2.49 -3.77
N ASP A 23 -6.41 -1.33 -3.38
CA ASP A 23 -6.57 -0.21 -4.29
C ASP A 23 -5.55 0.88 -3.99
N ALA A 24 -4.38 0.79 -4.62
CA ALA A 24 -3.33 1.78 -4.43
C ALA A 24 -2.79 2.28 -5.76
N LEU A 25 -2.89 3.59 -5.98
CA LEU A 25 -2.41 4.19 -7.22
C LEU A 25 -1.02 4.79 -7.03
N HIS A 26 -0.07 4.34 -7.83
CA HIS A 26 1.31 4.84 -7.75
C HIS A 26 1.33 6.36 -7.83
N ALA A 27 1.98 6.99 -6.86
CA ALA A 27 2.07 8.45 -6.82
C ALA A 27 3.35 8.93 -7.50
N THR A 28 4.47 8.29 -7.17
CA THR A 28 5.76 8.66 -7.74
C THR A 28 5.96 8.01 -9.10
N ARG A 29 5.35 6.84 -9.30
CA ARG A 29 5.46 6.12 -10.55
C ARG A 29 4.12 6.09 -11.28
N ASP A 30 4.09 5.43 -12.44
CA ASP A 30 2.87 5.33 -13.23
C ASP A 30 2.42 3.88 -13.36
N GLU A 31 1.75 3.38 -12.32
CA GLU A 31 1.26 2.00 -12.32
C GLU A 31 0.25 1.80 -11.20
N PRO A 32 -1.05 1.74 -11.58
CA PRO A 32 -2.13 1.53 -10.62
C PRO A 32 -2.14 0.13 -10.03
N VAL A 33 -2.70 -0.01 -8.83
CA VAL A 33 -2.78 -1.30 -8.16
C VAL A 33 -4.20 -1.61 -7.72
N ALA A 34 -4.80 -2.62 -8.35
CA ALA A 34 -6.16 -3.02 -8.03
C ALA A 34 -6.18 -4.39 -7.34
N PHE A 35 -5.11 -5.16 -7.54
CA PHE A 35 -5.01 -6.49 -6.95
C PHE A 35 -3.56 -6.93 -6.88
N VAL A 36 -3.14 -7.39 -5.69
CA VAL A 36 -1.76 -7.84 -5.49
C VAL A 36 -1.73 -9.34 -5.17
N LEU A 37 -0.58 -9.96 -5.40
CA LEU A 37 -0.42 -11.38 -5.14
C LEU A 37 0.58 -11.62 -4.00
N PRO A 38 0.55 -12.83 -3.43
CA PRO A 38 1.44 -13.19 -2.33
C PRO A 38 2.89 -13.34 -2.78
N GLY A 39 3.62 -12.23 -2.79
CA GLY A 39 5.01 -12.25 -3.20
C GLY A 39 5.39 -11.04 -4.02
N THR A 40 4.41 -10.20 -4.34
CA THR A 40 4.65 -9.00 -5.12
C THR A 40 4.78 -7.77 -4.22
N ALA A 41 5.79 -6.95 -4.50
CA ALA A 41 6.03 -5.75 -3.72
C ALA A 41 5.41 -4.52 -4.39
N PHE A 42 4.41 -3.93 -3.72
CA PHE A 42 3.74 -2.76 -4.25
C PHE A 42 3.87 -1.57 -3.31
N ARG A 43 4.06 -0.38 -3.87
CA ARG A 43 4.21 0.83 -3.07
C ARG A 43 2.85 1.50 -2.84
N VAL A 44 2.62 1.93 -1.60
CA VAL A 44 1.36 2.58 -1.25
C VAL A 44 1.61 3.77 -0.32
N SER A 45 0.55 4.53 -0.05
CA SER A 45 0.64 5.70 0.82
C SER A 45 1.06 5.29 2.23
N ALA A 46 1.60 6.25 2.98
CA ALA A 46 2.04 5.99 4.34
C ALA A 46 0.86 5.60 5.23
N GLY A 47 -0.31 6.14 4.93
CA GLY A 47 -1.50 5.84 5.70
C GLY A 47 -2.12 4.51 5.31
N VAL A 48 -2.11 4.22 4.01
CA VAL A 48 -2.67 2.97 3.51
C VAL A 48 -1.94 1.76 4.08
N ALA A 49 -0.61 1.80 4.00
CA ALA A 49 0.20 0.70 4.51
C ALA A 49 -0.17 0.35 5.95
N ALA A 50 -0.47 1.38 6.74
CA ALA A 50 -0.84 1.19 8.13
C ALA A 50 -1.96 0.15 8.26
N GLU A 51 -2.93 0.22 7.36
CA GLU A 51 -4.05 -0.71 7.38
C GLU A 51 -3.64 -2.07 6.84
N MET A 52 -2.92 -2.06 5.72
CA MET A 52 -2.46 -3.29 5.09
C MET A 52 -1.75 -4.18 6.10
N THR A 53 -0.73 -3.62 6.76
CA THR A 53 0.03 -4.38 7.75
C THR A 53 -0.83 -4.70 8.97
N GLU A 54 -1.80 -3.85 9.26
CA GLU A 54 -2.69 -4.05 10.39
C GLU A 54 -3.68 -5.19 10.12
N ARG A 55 -3.93 -5.45 8.84
CA ARG A 55 -4.85 -6.50 8.45
C ARG A 55 -4.18 -7.87 8.55
N GLY A 56 -2.86 -7.89 8.42
CA GLY A 56 -2.11 -9.14 8.50
C GLY A 56 -2.10 -9.89 7.17
N LEU A 57 -2.39 -9.18 6.09
CA LEU A 57 -2.42 -9.78 4.77
C LEU A 57 -1.19 -9.39 3.97
N ALA A 58 -0.60 -8.25 4.31
CA ALA A 58 0.59 -7.76 3.62
C ALA A 58 1.67 -7.34 4.62
N ARG A 59 2.92 -7.47 4.22
CA ARG A 59 4.04 -7.10 5.08
C ARG A 59 5.00 -6.17 4.35
N MET A 60 5.60 -5.25 5.09
CA MET A 60 6.55 -4.30 4.51
C MET A 60 7.78 -5.02 3.98
N GLN A 61 8.28 -4.56 2.84
CA GLN A 61 9.46 -5.15 2.23
C GLN A 61 10.71 -4.84 3.03
N PRO A 1 -2.81 7.83 21.31
CA PRO A 1 -2.82 9.06 20.50
C PRO A 1 -2.61 10.31 21.34
N ASP A 2 -2.78 11.47 20.71
CA ASP A 2 -2.61 12.74 21.40
C ASP A 2 -3.09 13.90 20.52
N THR A 3 -2.76 13.84 19.23
CA THR A 3 -3.15 14.87 18.29
C THR A 3 -3.96 14.30 17.14
N VAL A 4 -3.54 13.14 16.64
CA VAL A 4 -4.23 12.48 15.54
C VAL A 4 -4.31 13.39 14.32
N ILE A 5 -3.15 13.76 13.79
CA ILE A 5 -3.09 14.62 12.61
C ILE A 5 -1.88 14.29 11.75
N LEU A 6 -2.14 13.95 10.48
CA LEU A 6 -1.07 13.61 9.56
C LEU A 6 -1.24 14.37 8.24
N ASP A 7 -0.18 15.05 7.82
CA ASP A 7 -0.20 15.81 6.58
C ASP A 7 1.01 15.48 5.71
N THR A 8 1.27 14.19 5.54
CA THR A 8 2.40 13.75 4.74
C THR A 8 2.10 12.43 4.04
N SER A 9 2.60 12.27 2.82
CA SER A 9 2.37 11.06 2.04
C SER A 9 3.48 10.04 2.28
N GLU A 10 4.63 10.29 1.67
CA GLU A 10 5.77 9.39 1.82
C GLU A 10 5.38 7.95 1.49
N LEU A 11 5.52 7.58 0.22
CA LEU A 11 5.19 6.24 -0.23
C LEU A 11 5.92 5.19 0.59
N VAL A 12 5.29 4.03 0.79
CA VAL A 12 5.88 2.94 1.55
C VAL A 12 5.87 1.64 0.76
N THR A 13 6.98 0.92 0.80
CA THR A 13 7.09 -0.35 0.08
C THR A 13 6.52 -1.50 0.91
N VAL A 14 5.46 -2.12 0.40
CA VAL A 14 4.82 -3.23 1.08
C VAL A 14 4.48 -4.35 0.11
N VAL A 15 4.80 -5.59 0.51
CA VAL A 15 4.54 -6.75 -0.32
C VAL A 15 3.45 -7.63 0.28
N ALA A 16 2.47 -7.99 -0.53
CA ALA A 16 1.37 -8.84 -0.06
C ALA A 16 1.85 -10.26 0.23
N LEU A 17 1.34 -10.85 1.30
CA LEU A 17 1.72 -12.21 1.68
C LEU A 17 0.68 -13.21 1.22
N VAL A 18 -0.55 -12.74 0.98
CA VAL A 18 -1.63 -13.60 0.53
C VAL A 18 -2.48 -12.90 -0.53
N LYS A 19 -3.15 -13.69 -1.36
CA LYS A 19 -4.00 -13.15 -2.42
C LYS A 19 -5.00 -12.15 -1.85
N LEU A 20 -4.73 -10.87 -2.06
CA LEU A 20 -5.61 -9.81 -1.57
C LEU A 20 -5.76 -8.71 -2.60
N HIS A 21 -6.97 -8.14 -2.69
CA HIS A 21 -7.25 -7.08 -3.63
C HIS A 21 -7.14 -5.71 -2.97
N THR A 22 -6.07 -5.00 -3.26
CA THR A 22 -5.84 -3.68 -2.68
C THR A 22 -5.98 -2.59 -3.74
N ASP A 23 -6.52 -1.44 -3.34
CA ASP A 23 -6.71 -0.32 -4.25
C ASP A 23 -5.68 0.77 -3.99
N ALA A 24 -4.54 0.67 -4.65
CA ALA A 24 -3.47 1.65 -4.49
C ALA A 24 -3.20 2.39 -5.80
N LEU A 25 -2.24 3.31 -5.77
CA LEU A 25 -1.88 4.08 -6.95
C LEU A 25 -0.43 4.54 -6.89
N HIS A 26 0.32 4.24 -7.94
CA HIS A 26 1.74 4.62 -8.00
C HIS A 26 1.89 6.13 -8.01
N ALA A 27 2.53 6.67 -6.98
CA ALA A 27 2.75 8.10 -6.87
C ALA A 27 3.97 8.53 -7.67
N THR A 28 5.06 7.80 -7.51
CA THR A 28 6.31 8.11 -8.21
C THR A 28 6.26 7.61 -9.65
N ARG A 29 5.48 6.56 -9.88
CA ARG A 29 5.36 5.97 -11.21
C ARG A 29 3.92 6.07 -11.71
N ASP A 30 3.67 5.51 -12.88
CA ASP A 30 2.34 5.52 -13.48
C ASP A 30 1.78 4.11 -13.64
N GLU A 31 1.25 3.56 -12.54
CA GLU A 31 0.70 2.21 -12.56
C GLU A 31 -0.17 1.97 -11.33
N PRO A 32 -1.50 2.01 -11.52
CA PRO A 32 -2.46 1.79 -10.44
C PRO A 32 -2.48 0.35 -9.96
N VAL A 33 -2.90 0.15 -8.71
CA VAL A 33 -2.96 -1.19 -8.13
C VAL A 33 -4.38 -1.54 -7.72
N ALA A 34 -4.91 -2.63 -8.28
CA ALA A 34 -6.26 -3.07 -7.97
C ALA A 34 -6.25 -4.43 -7.30
N PHE A 35 -5.17 -5.18 -7.51
CA PHE A 35 -5.04 -6.51 -6.93
C PHE A 35 -3.58 -6.94 -6.88
N VAL A 36 -3.14 -7.40 -5.70
CA VAL A 36 -1.76 -7.84 -5.52
C VAL A 36 -1.69 -9.33 -5.21
N LEU A 37 -0.53 -9.93 -5.45
CA LEU A 37 -0.34 -11.35 -5.20
C LEU A 37 0.66 -11.58 -4.06
N PRO A 38 0.66 -12.79 -3.50
CA PRO A 38 1.55 -13.15 -2.40
C PRO A 38 3.00 -13.26 -2.85
N GLY A 39 3.70 -12.13 -2.84
CA GLY A 39 5.10 -12.12 -3.26
C GLY A 39 5.46 -10.88 -4.06
N THR A 40 4.45 -10.08 -4.37
CA THR A 40 4.67 -8.85 -5.14
C THR A 40 4.78 -7.64 -4.23
N ALA A 41 5.77 -6.79 -4.48
CA ALA A 41 5.98 -5.60 -3.68
C ALA A 41 5.34 -4.38 -4.35
N PHE A 42 4.34 -3.81 -3.68
CA PHE A 42 3.64 -2.64 -4.20
C PHE A 42 3.75 -1.46 -3.23
N ARG A 43 4.03 -0.28 -3.77
CA ARG A 43 4.15 0.92 -2.96
C ARG A 43 2.78 1.55 -2.71
N VAL A 44 2.53 1.93 -1.45
CA VAL A 44 1.27 2.55 -1.09
C VAL A 44 1.49 3.74 -0.16
N SER A 45 0.42 4.47 0.13
CA SER A 45 0.49 5.64 0.99
C SER A 45 0.78 5.23 2.44
N ALA A 46 1.53 6.06 3.14
CA ALA A 46 1.88 5.79 4.53
C ALA A 46 0.63 5.46 5.35
N GLY A 47 -0.50 6.04 4.97
CA GLY A 47 -1.74 5.79 5.67
C GLY A 47 -2.38 4.49 5.28
N VAL A 48 -2.20 4.08 4.02
CA VAL A 48 -2.76 2.84 3.52
C VAL A 48 -2.05 1.63 4.12
N ALA A 49 -0.71 1.66 4.07
CA ALA A 49 0.09 0.57 4.59
C ALA A 49 -0.32 0.23 6.03
N ALA A 50 -0.66 1.26 6.80
CA ALA A 50 -1.05 1.07 8.18
C ALA A 50 -2.16 0.01 8.30
N GLU A 51 -3.12 0.08 7.39
CA GLU A 51 -4.24 -0.87 7.39
C GLU A 51 -3.79 -2.22 6.84
N MET A 52 -3.05 -2.20 5.74
CA MET A 52 -2.56 -3.42 5.11
C MET A 52 -1.86 -4.30 6.13
N THR A 53 -0.86 -3.74 6.81
CA THR A 53 -0.10 -4.47 7.82
C THR A 53 -0.97 -4.79 9.03
N GLU A 54 -1.92 -3.91 9.32
CA GLU A 54 -2.81 -4.10 10.46
C GLU A 54 -3.84 -5.19 10.17
N ARG A 55 -3.96 -5.56 8.90
CA ARG A 55 -4.91 -6.59 8.49
C ARG A 55 -4.27 -7.97 8.53
N GLY A 56 -2.94 -8.00 8.44
CA GLY A 56 -2.22 -9.26 8.46
C GLY A 56 -2.26 -9.97 7.13
N LEU A 57 -2.35 -9.20 6.05
CA LEU A 57 -2.40 -9.76 4.70
C LEU A 57 -1.17 -9.36 3.90
N ALA A 58 -0.55 -8.25 4.29
CA ALA A 58 0.65 -7.76 3.61
C ALA A 58 1.72 -7.34 4.62
N ARG A 59 2.97 -7.48 4.22
CA ARG A 59 4.10 -7.11 5.08
C ARG A 59 5.03 -6.12 4.38
N MET A 60 5.63 -5.23 5.16
CA MET A 60 6.53 -4.23 4.62
C MET A 60 7.86 -4.86 4.21
N GLN A 61 8.27 -4.61 2.97
CA GLN A 61 9.53 -5.16 2.46
C GLN A 61 10.72 -4.51 3.14
N PRO A 1 -3.48 16.11 18.35
CA PRO A 1 -2.39 17.09 18.28
C PRO A 1 -2.86 18.50 18.58
N ASP A 2 -1.99 19.48 18.36
CA ASP A 2 -2.31 20.87 18.62
C ASP A 2 -2.68 21.59 17.32
N THR A 3 -2.16 21.08 16.20
CA THR A 3 -2.42 21.66 14.89
C THR A 3 -3.50 20.88 14.15
N VAL A 4 -3.46 19.56 14.28
CA VAL A 4 -4.43 18.70 13.61
C VAL A 4 -4.42 18.90 12.11
N ILE A 5 -3.27 18.66 11.49
CA ILE A 5 -3.13 18.82 10.04
C ILE A 5 -2.12 17.82 9.49
N LEU A 6 -2.53 17.12 8.42
CA LEU A 6 -1.66 16.13 7.79
C LEU A 6 -1.39 16.50 6.33
N ASP A 7 -0.12 16.59 5.96
CA ASP A 7 0.27 16.94 4.61
C ASP A 7 1.56 16.22 4.21
N THR A 8 1.59 14.91 4.40
CA THR A 8 2.76 14.11 4.06
C THR A 8 2.36 12.77 3.46
N SER A 9 2.96 12.42 2.33
CA SER A 9 2.67 11.16 1.67
C SER A 9 3.76 10.13 1.94
N GLU A 10 4.89 10.28 1.27
CA GLU A 10 6.01 9.36 1.44
C GLU A 10 5.58 7.93 1.15
N LEU A 11 5.78 7.50 -0.09
CA LEU A 11 5.42 6.14 -0.50
C LEU A 11 6.13 5.11 0.37
N VAL A 12 5.47 3.98 0.58
CA VAL A 12 6.04 2.91 1.39
C VAL A 12 5.99 1.57 0.65
N THR A 13 7.10 0.84 0.69
CA THR A 13 7.18 -0.45 0.02
C THR A 13 6.56 -1.56 0.87
N VAL A 14 5.58 -2.25 0.32
CA VAL A 14 4.91 -3.34 1.03
C VAL A 14 4.54 -4.47 0.08
N VAL A 15 4.87 -5.69 0.48
CA VAL A 15 4.57 -6.87 -0.34
C VAL A 15 3.49 -7.73 0.31
N ALA A 16 2.51 -8.12 -0.48
CA ALA A 16 1.41 -8.95 0.01
C ALA A 16 1.89 -10.36 0.31
N LEU A 17 1.29 -10.98 1.34
CA LEU A 17 1.66 -12.33 1.73
C LEU A 17 0.62 -13.34 1.23
N VAL A 18 -0.58 -12.86 0.95
CA VAL A 18 -1.66 -13.71 0.47
C VAL A 18 -2.50 -12.99 -0.59
N LYS A 19 -3.15 -13.77 -1.43
CA LYS A 19 -4.00 -13.22 -2.49
C LYS A 19 -5.00 -12.22 -1.91
N LEU A 20 -4.71 -10.93 -2.08
CA LEU A 20 -5.59 -9.88 -1.59
C LEU A 20 -5.74 -8.77 -2.62
N HIS A 21 -6.95 -8.20 -2.70
CA HIS A 21 -7.22 -7.12 -3.65
C HIS A 21 -7.10 -5.77 -2.97
N THR A 22 -6.01 -5.06 -3.26
CA THR A 22 -5.77 -3.74 -2.68
C THR A 22 -5.90 -2.65 -3.73
N ASP A 23 -6.37 -1.48 -3.31
CA ASP A 23 -6.53 -0.36 -4.22
C ASP A 23 -5.53 0.76 -3.90
N ALA A 24 -4.35 0.68 -4.52
CA ALA A 24 -3.32 1.67 -4.29
C ALA A 24 -2.77 2.20 -5.61
N LEU A 25 -3.02 3.48 -5.89
CA LEU A 25 -2.54 4.10 -7.12
C LEU A 25 -1.17 4.72 -6.92
N HIS A 26 -0.20 4.28 -7.73
CA HIS A 26 1.16 4.81 -7.65
C HIS A 26 1.16 6.33 -7.68
N ALA A 27 1.81 6.94 -6.71
CA ALA A 27 1.89 8.39 -6.63
C ALA A 27 3.16 8.91 -7.31
N THR A 28 4.28 8.27 -7.01
CA THR A 28 5.56 8.66 -7.60
C THR A 28 5.74 8.06 -8.98
N ARG A 29 5.20 6.87 -9.19
CA ARG A 29 5.29 6.19 -10.47
C ARG A 29 3.95 6.17 -11.19
N ASP A 30 3.91 5.55 -12.35
CA ASP A 30 2.68 5.46 -13.13
C ASP A 30 2.24 4.01 -13.30
N GLU A 31 1.58 3.48 -12.27
CA GLU A 31 1.10 2.10 -12.29
C GLU A 31 0.09 1.85 -11.18
N PRO A 32 -1.20 1.81 -11.55
CA PRO A 32 -2.29 1.58 -10.60
C PRO A 32 -2.28 0.15 -10.05
N VAL A 33 -2.84 -0.02 -8.85
CA VAL A 33 -2.91 -1.33 -8.22
C VAL A 33 -4.34 -1.66 -7.80
N ALA A 34 -4.86 -2.76 -8.33
CA ALA A 34 -6.22 -3.19 -8.01
C ALA A 34 -6.21 -4.56 -7.33
N PHE A 35 -5.13 -5.30 -7.53
CA PHE A 35 -5.00 -6.63 -6.94
C PHE A 35 -3.54 -7.06 -6.87
N VAL A 36 -3.12 -7.51 -5.69
CA VAL A 36 -1.74 -7.94 -5.49
C VAL A 36 -1.68 -9.43 -5.19
N LEU A 37 -0.52 -10.03 -5.43
CA LEU A 37 -0.32 -11.46 -5.18
C LEU A 37 0.67 -11.68 -4.06
N PRO A 38 0.68 -12.90 -3.49
CA PRO A 38 1.57 -13.27 -2.40
C PRO A 38 3.03 -13.38 -2.85
N GLY A 39 3.72 -12.25 -2.86
CA GLY A 39 5.12 -12.23 -3.27
C GLY A 39 5.47 -11.01 -4.08
N THR A 40 4.47 -10.18 -4.39
CA THR A 40 4.68 -8.97 -5.15
C THR A 40 4.79 -7.75 -4.24
N ALA A 41 5.78 -6.91 -4.50
CA ALA A 41 6.00 -5.71 -3.71
C ALA A 41 5.35 -4.49 -4.37
N PHE A 42 4.36 -3.92 -3.70
CA PHE A 42 3.66 -2.75 -4.22
C PHE A 42 3.81 -1.56 -3.26
N ARG A 43 4.07 -0.39 -3.84
CA ARG A 43 4.24 0.82 -3.04
C ARG A 43 2.89 1.49 -2.78
N VAL A 44 2.65 1.85 -1.52
CA VAL A 44 1.40 2.49 -1.14
C VAL A 44 1.66 3.72 -0.27
N SER A 45 0.59 4.44 0.06
CA SER A 45 0.70 5.65 0.87
C SER A 45 1.02 5.30 2.32
N ALA A 46 1.76 6.18 2.98
CA ALA A 46 2.14 5.95 4.38
C ALA A 46 0.91 5.61 5.23
N GLY A 47 -0.22 6.23 4.90
CA GLY A 47 -1.44 5.97 5.64
C GLY A 47 -2.12 4.69 5.21
N VAL A 48 -1.90 4.29 3.96
CA VAL A 48 -2.50 3.07 3.44
C VAL A 48 -1.83 1.83 4.02
N ALA A 49 -0.50 1.81 3.98
CA ALA A 49 0.26 0.69 4.52
C ALA A 49 -0.17 0.35 5.95
N ALA A 50 -0.46 1.38 6.73
CA ALA A 50 -0.89 1.20 8.11
C ALA A 50 -2.05 0.21 8.20
N GLU A 51 -2.98 0.32 7.26
CA GLU A 51 -4.14 -0.57 7.25
C GLU A 51 -3.77 -1.94 6.70
N MET A 52 -2.98 -1.95 5.63
CA MET A 52 -2.55 -3.20 5.01
C MET A 52 -1.91 -4.13 6.04
N THR A 53 -0.90 -3.61 6.75
CA THR A 53 -0.20 -4.39 7.76
C THR A 53 -1.12 -4.71 8.93
N GLU A 54 -2.08 -3.84 9.19
CA GLU A 54 -3.03 -4.03 10.27
C GLU A 54 -4.00 -5.17 9.96
N ARG A 55 -4.18 -5.44 8.67
CA ARG A 55 -5.09 -6.50 8.22
C ARG A 55 -4.45 -7.87 8.42
N GLY A 56 -3.12 -7.93 8.32
CA GLY A 56 -2.42 -9.18 8.49
C GLY A 56 -2.34 -9.98 7.20
N LEU A 57 -2.44 -9.28 6.07
CA LEU A 57 -2.37 -9.93 4.77
C LEU A 57 -1.12 -9.51 4.00
N ALA A 58 -0.61 -8.33 4.33
CA ALA A 58 0.58 -7.81 3.68
C ALA A 58 1.60 -7.31 4.70
N ARG A 59 2.87 -7.35 4.34
CA ARG A 59 3.94 -6.90 5.22
C ARG A 59 4.93 -6.02 4.48
N MET A 60 5.48 -5.03 5.17
CA MET A 60 6.44 -4.11 4.57
C MET A 60 7.67 -4.87 4.07
N GLN A 61 8.06 -4.60 2.84
CA GLN A 61 9.22 -5.26 2.24
C GLN A 61 10.45 -5.07 3.11
N PRO A 1 -12.90 8.63 14.22
CA PRO A 1 -11.62 9.34 14.16
C PRO A 1 -11.12 9.75 15.54
N ASP A 2 -10.05 10.54 15.57
CA ASP A 2 -9.47 11.00 16.83
C ASP A 2 -8.60 12.23 16.60
N THR A 3 -7.79 12.18 15.55
CA THR A 3 -6.89 13.29 15.23
C THR A 3 -7.30 13.96 13.91
N VAL A 4 -7.43 13.16 12.86
CA VAL A 4 -7.82 13.66 11.55
C VAL A 4 -6.81 14.70 11.06
N ILE A 5 -5.53 14.36 11.14
CA ILE A 5 -4.47 15.26 10.70
C ILE A 5 -3.52 14.56 9.74
N LEU A 6 -3.69 14.82 8.44
CA LEU A 6 -2.84 14.21 7.43
C LEU A 6 -2.42 15.24 6.38
N ASP A 7 -1.12 15.47 6.27
CA ASP A 7 -0.58 16.44 5.32
C ASP A 7 0.71 15.92 4.69
N THR A 8 0.85 14.60 4.65
CA THR A 8 2.04 13.98 4.08
C THR A 8 1.70 12.66 3.38
N SER A 9 2.56 12.24 2.47
CA SER A 9 2.34 11.00 1.73
C SER A 9 3.48 10.02 1.98
N GLU A 10 4.62 10.26 1.32
CA GLU A 10 5.78 9.40 1.47
C GLU A 10 5.42 7.95 1.17
N LEU A 11 5.56 7.54 -0.09
CA LEU A 11 5.25 6.18 -0.50
C LEU A 11 5.95 5.17 0.40
N VAL A 12 5.34 3.99 0.55
CA VAL A 12 5.90 2.94 1.38
C VAL A 12 5.88 1.61 0.66
N THR A 13 7.00 0.87 0.73
CA THR A 13 7.10 -0.42 0.09
C THR A 13 6.47 -1.51 0.93
N VAL A 14 5.53 -2.25 0.33
CA VAL A 14 4.84 -3.33 1.04
C VAL A 14 4.49 -4.46 0.08
N VAL A 15 4.82 -5.69 0.47
CA VAL A 15 4.52 -6.87 -0.35
C VAL A 15 3.43 -7.71 0.29
N ALA A 16 2.44 -8.09 -0.52
CA ALA A 16 1.33 -8.91 -0.06
C ALA A 16 1.80 -10.32 0.27
N LEU A 17 1.23 -10.89 1.33
CA LEU A 17 1.58 -12.24 1.74
C LEU A 17 0.54 -13.25 1.27
N VAL A 18 -0.66 -12.76 0.98
CA VAL A 18 -1.76 -13.61 0.52
C VAL A 18 -2.58 -12.91 -0.55
N LYS A 19 -3.26 -13.71 -1.37
CA LYS A 19 -4.09 -13.16 -2.44
C LYS A 19 -5.09 -12.15 -1.88
N LEU A 20 -4.79 -10.87 -2.08
CA LEU A 20 -5.66 -9.80 -1.60
C LEU A 20 -5.80 -8.69 -2.65
N HIS A 21 -6.98 -8.12 -2.75
CA HIS A 21 -7.24 -7.05 -3.71
C HIS A 21 -7.14 -5.68 -3.04
N THR A 22 -6.03 -4.99 -3.32
CA THR A 22 -5.80 -3.67 -2.75
C THR A 22 -5.92 -2.58 -3.81
N ASP A 23 -6.41 -1.41 -3.40
CA ASP A 23 -6.57 -0.28 -4.31
C ASP A 23 -5.56 0.81 -4.00
N ALA A 24 -4.40 0.73 -4.63
CA ALA A 24 -3.34 1.71 -4.42
C ALA A 24 -2.80 2.23 -5.75
N LEU A 25 -2.88 3.55 -5.95
CA LEU A 25 -2.41 4.16 -7.19
C LEU A 25 -1.02 4.76 -6.99
N HIS A 26 -0.07 4.31 -7.80
CA HIS A 26 1.30 4.80 -7.72
C HIS A 26 1.34 6.32 -7.78
N ALA A 27 1.95 6.94 -6.77
CA ALA A 27 2.06 8.39 -6.70
C ALA A 27 3.33 8.88 -7.38
N THR A 28 4.45 8.23 -7.07
CA THR A 28 5.74 8.59 -7.66
C THR A 28 5.91 7.99 -9.04
N ARG A 29 5.32 6.82 -9.26
CA ARG A 29 5.40 6.15 -10.55
C ARG A 29 4.05 6.15 -11.25
N ASP A 30 4.00 5.51 -12.42
CA ASP A 30 2.77 5.43 -13.19
C ASP A 30 2.31 3.98 -13.34
N GLU A 31 1.66 3.46 -12.31
CA GLU A 31 1.17 2.09 -12.34
C GLU A 31 0.16 1.85 -11.21
N PRO A 32 -1.13 1.81 -11.58
CA PRO A 32 -2.22 1.60 -10.62
C PRO A 32 -2.23 0.18 -10.07
N VAL A 33 -2.78 0.02 -8.87
CA VAL A 33 -2.86 -1.30 -8.24
C VAL A 33 -4.29 -1.62 -7.81
N ALA A 34 -4.83 -2.69 -8.38
CA ALA A 34 -6.19 -3.11 -8.07
C ALA A 34 -6.19 -4.48 -7.38
N PHE A 35 -5.13 -5.24 -7.59
CA PHE A 35 -5.01 -6.57 -6.99
C PHE A 35 -3.56 -7.01 -6.93
N VAL A 36 -3.12 -7.45 -5.75
CA VAL A 36 -1.75 -7.90 -5.56
C VAL A 36 -1.70 -9.40 -5.23
N LEU A 37 -0.55 -10.00 -5.45
CA LEU A 37 -0.37 -11.43 -5.17
C LEU A 37 0.62 -11.64 -4.04
N PRO A 38 0.59 -12.85 -3.45
CA PRO A 38 1.49 -13.21 -2.35
C PRO A 38 2.94 -13.35 -2.79
N GLY A 39 3.66 -12.23 -2.82
CA GLY A 39 5.05 -12.24 -3.23
C GLY A 39 5.42 -11.01 -4.03
N THR A 40 4.43 -10.19 -4.37
CA THR A 40 4.67 -8.98 -5.14
C THR A 40 4.76 -7.76 -4.23
N ALA A 41 5.78 -6.94 -4.46
CA ALA A 41 5.99 -5.73 -3.66
C ALA A 41 5.38 -4.51 -4.33
N PHE A 42 4.35 -3.94 -3.69
CA PHE A 42 3.68 -2.77 -4.23
C PHE A 42 3.81 -1.58 -3.28
N ARG A 43 4.04 -0.40 -3.85
CA ARG A 43 4.19 0.81 -3.05
C ARG A 43 2.84 1.48 -2.83
N VAL A 44 2.58 1.86 -1.57
CA VAL A 44 1.33 2.51 -1.22
C VAL A 44 1.57 3.73 -0.34
N SER A 45 0.49 4.42 0.02
CA SER A 45 0.58 5.61 0.85
C SER A 45 0.95 5.23 2.29
N ALA A 46 1.48 6.20 3.03
CA ALA A 46 1.88 5.97 4.42
C ALA A 46 0.67 5.58 5.26
N GLY A 47 -0.49 6.12 4.92
CA GLY A 47 -1.70 5.82 5.68
C GLY A 47 -2.31 4.48 5.27
N VAL A 48 -2.21 4.16 3.98
CA VAL A 48 -2.75 2.91 3.47
C VAL A 48 -2.02 1.71 4.05
N ALA A 49 -0.69 1.74 3.98
CA ALA A 49 0.13 0.65 4.52
C ALA A 49 -0.25 0.33 5.96
N ALA A 50 -0.57 1.36 6.73
CA ALA A 50 -0.96 1.19 8.12
C ALA A 50 -2.06 0.14 8.26
N GLU A 51 -3.03 0.19 7.36
CA GLU A 51 -4.15 -0.76 7.38
C GLU A 51 -3.71 -2.11 6.85
N MET A 52 -2.94 -2.11 5.76
CA MET A 52 -2.46 -3.34 5.16
C MET A 52 -1.73 -4.20 6.18
N THR A 53 -0.73 -3.62 6.83
CA THR A 53 0.04 -4.34 7.84
C THR A 53 -0.82 -4.70 9.05
N GLU A 54 -1.82 -3.86 9.33
CA GLU A 54 -2.71 -4.09 10.45
C GLU A 54 -3.69 -5.22 10.15
N ARG A 55 -3.92 -5.48 8.87
CA ARG A 55 -4.84 -6.53 8.45
C ARG A 55 -4.16 -7.90 8.55
N GLY A 56 -2.84 -7.92 8.45
CA GLY A 56 -2.10 -9.16 8.51
C GLY A 56 -2.08 -9.91 7.20
N LEU A 57 -2.37 -9.19 6.12
CA LEU A 57 -2.39 -9.80 4.79
C LEU A 57 -1.16 -9.38 4.00
N ALA A 58 -0.58 -8.24 4.35
CA ALA A 58 0.60 -7.73 3.67
C ALA A 58 1.66 -7.28 4.67
N ARG A 59 2.92 -7.40 4.29
CA ARG A 59 4.03 -7.00 5.16
C ARG A 59 5.00 -6.09 4.42
N MET A 60 5.63 -5.18 5.14
CA MET A 60 6.59 -4.25 4.55
C MET A 60 7.84 -4.99 4.11
N GLN A 61 8.21 -4.78 2.85
CA GLN A 61 9.40 -5.43 2.29
C GLN A 61 10.63 -5.17 3.16
N PRO A 1 -14.80 16.58 7.06
CA PRO A 1 -14.01 16.78 5.83
C PRO A 1 -14.89 17.15 4.64
N ASP A 2 -14.32 17.88 3.69
CA ASP A 2 -15.04 18.29 2.50
C ASP A 2 -14.08 18.70 1.40
N THR A 3 -12.88 18.15 1.43
CA THR A 3 -11.86 18.45 0.43
C THR A 3 -11.57 17.24 -0.45
N VAL A 4 -11.26 16.12 0.19
CA VAL A 4 -10.95 14.88 -0.52
C VAL A 4 -9.76 15.07 -1.45
N ILE A 5 -8.69 15.66 -0.92
CA ILE A 5 -7.49 15.90 -1.70
C ILE A 5 -6.25 15.37 -0.98
N LEU A 6 -5.46 14.55 -1.68
CA LEU A 6 -4.25 13.98 -1.10
C LEU A 6 -3.01 14.46 -1.87
N ASP A 7 -2.17 15.23 -1.20
CA ASP A 7 -0.96 15.75 -1.81
C ASP A 7 0.25 15.50 -0.91
N THR A 8 0.91 14.37 -1.09
CA THR A 8 2.06 14.01 -0.29
C THR A 8 3.03 13.12 -1.08
N SER A 9 4.25 12.99 -0.57
CA SER A 9 5.26 12.17 -1.23
C SER A 9 5.96 11.26 -0.22
N GLU A 10 5.20 10.36 0.38
CA GLU A 10 5.74 9.43 1.36
C GLU A 10 5.34 7.99 1.03
N LEU A 11 5.71 7.54 -0.16
CA LEU A 11 5.39 6.18 -0.59
C LEU A 11 6.09 5.15 0.28
N VAL A 12 5.46 3.99 0.43
CA VAL A 12 6.01 2.92 1.24
C VAL A 12 5.95 1.58 0.51
N THR A 13 7.04 0.82 0.59
CA THR A 13 7.11 -0.48 -0.07
C THR A 13 6.49 -1.57 0.80
N VAL A 14 5.55 -2.33 0.24
CA VAL A 14 4.89 -3.40 0.97
C VAL A 14 4.51 -4.55 0.03
N VAL A 15 4.83 -5.77 0.44
CA VAL A 15 4.51 -6.95 -0.35
C VAL A 15 3.42 -7.79 0.31
N ALA A 16 2.43 -8.18 -0.48
CA ALA A 16 1.34 -8.99 0.02
C ALA A 16 1.80 -10.40 0.35
N LEU A 17 1.20 -11.00 1.38
CA LEU A 17 1.56 -12.35 1.79
C LEU A 17 0.54 -13.37 1.28
N VAL A 18 -0.69 -12.90 1.06
CA VAL A 18 -1.76 -13.77 0.56
C VAL A 18 -2.58 -13.06 -0.50
N LYS A 19 -3.25 -13.85 -1.35
CA LYS A 19 -4.08 -13.31 -2.41
C LYS A 19 -5.08 -12.30 -1.86
N LEU A 20 -4.80 -11.02 -2.09
CA LEU A 20 -5.68 -9.96 -1.62
C LEU A 20 -5.83 -8.85 -2.66
N HIS A 21 -7.02 -8.29 -2.77
CA HIS A 21 -7.28 -7.22 -3.73
C HIS A 21 -7.15 -5.85 -3.07
N THR A 22 -6.05 -5.17 -3.37
CA THR A 22 -5.80 -3.85 -2.79
C THR A 22 -5.87 -2.76 -3.87
N ASP A 23 -6.42 -1.62 -3.50
CA ASP A 23 -6.56 -0.50 -4.43
C ASP A 23 -5.61 0.63 -4.06
N ALA A 24 -4.39 0.58 -4.58
CA ALA A 24 -3.39 1.61 -4.29
C ALA A 24 -2.72 2.08 -5.57
N LEU A 25 -2.97 3.33 -5.94
CA LEU A 25 -2.39 3.90 -7.14
C LEU A 25 -1.05 4.57 -6.84
N HIS A 26 -0.08 4.37 -7.72
CA HIS A 26 1.24 4.96 -7.54
C HIS A 26 1.16 6.49 -7.56
N ALA A 27 1.67 7.10 -6.48
CA ALA A 27 1.66 8.56 -6.36
C ALA A 27 2.88 9.17 -7.05
N THR A 28 4.04 8.60 -6.80
CA THR A 28 5.27 9.09 -7.39
C THR A 28 5.49 8.50 -8.79
N ARG A 29 5.26 7.21 -8.92
CA ARG A 29 5.42 6.53 -10.20
C ARG A 29 4.10 6.47 -10.96
N ASP A 30 4.13 5.81 -12.12
CA ASP A 30 2.92 5.69 -12.95
C ASP A 30 2.53 4.22 -13.11
N GLU A 31 1.87 3.68 -12.09
CA GLU A 31 1.43 2.28 -12.13
C GLU A 31 0.41 2.01 -11.04
N PRO A 32 -0.87 1.95 -11.43
CA PRO A 32 -1.98 1.69 -10.50
C PRO A 32 -1.98 0.25 -9.98
N VAL A 33 -2.83 -0.01 -8.99
CA VAL A 33 -2.92 -1.34 -8.41
C VAL A 33 -4.36 -1.67 -8.01
N ALA A 34 -4.83 -2.85 -8.42
CA ALA A 34 -6.18 -3.28 -8.10
C ALA A 34 -6.18 -4.61 -7.36
N PHE A 35 -5.19 -5.44 -7.67
CA PHE A 35 -5.07 -6.75 -7.02
C PHE A 35 -3.61 -7.18 -6.93
N VAL A 36 -3.20 -7.61 -5.75
CA VAL A 36 -1.83 -8.06 -5.53
C VAL A 36 -1.77 -9.55 -5.22
N LEU A 37 -0.61 -10.15 -5.45
CA LEU A 37 -0.43 -11.58 -5.19
C LEU A 37 0.56 -11.80 -4.05
N PRO A 38 0.55 -13.01 -3.48
CA PRO A 38 1.44 -13.38 -2.38
C PRO A 38 2.89 -13.50 -2.82
N GLY A 39 3.60 -12.38 -2.83
CA GLY A 39 4.99 -12.37 -3.24
C GLY A 39 5.36 -11.16 -4.06
N THR A 40 4.36 -10.33 -4.37
CA THR A 40 4.58 -9.11 -5.15
C THR A 40 4.71 -7.90 -4.25
N ALA A 41 5.70 -7.05 -4.53
CA ALA A 41 5.92 -5.85 -3.75
C ALA A 41 5.28 -4.64 -4.41
N PHE A 42 4.29 -4.05 -3.76
CA PHE A 42 3.59 -2.89 -4.29
C PHE A 42 3.75 -1.69 -3.36
N ARG A 43 4.04 -0.53 -3.94
CA ARG A 43 4.22 0.69 -3.17
C ARG A 43 2.88 1.38 -2.92
N VAL A 44 2.64 1.76 -1.66
CA VAL A 44 1.40 2.44 -1.30
C VAL A 44 1.68 3.67 -0.45
N SER A 45 0.61 4.39 -0.10
CA SER A 45 0.74 5.59 0.70
C SER A 45 1.11 5.25 2.15
N ALA A 46 1.67 6.23 2.85
CA ALA A 46 2.07 6.03 4.25
C ALA A 46 0.87 5.66 5.11
N GLY A 47 -0.29 6.21 4.78
CA GLY A 47 -1.49 5.94 5.54
C GLY A 47 -2.13 4.62 5.15
N VAL A 48 -2.03 4.26 3.88
CA VAL A 48 -2.61 3.01 3.38
C VAL A 48 -1.89 1.81 3.99
N ALA A 49 -0.56 1.82 3.92
CA ALA A 49 0.24 0.73 4.45
C ALA A 49 -0.15 0.43 5.90
N ALA A 50 -0.46 1.48 6.66
CA ALA A 50 -0.85 1.33 8.05
C ALA A 50 -1.96 0.30 8.21
N GLU A 51 -2.94 0.34 7.30
CA GLU A 51 -4.06 -0.59 7.34
C GLU A 51 -3.65 -1.95 6.82
N MET A 52 -2.90 -1.96 5.72
CA MET A 52 -2.44 -3.21 5.12
C MET A 52 -1.75 -4.09 6.15
N THR A 53 -0.75 -3.53 6.82
CA THR A 53 -0.01 -4.26 7.84
C THR A 53 -0.90 -4.61 9.03
N GLU A 54 -1.89 -3.77 9.28
CA GLU A 54 -2.81 -3.99 10.39
C GLU A 54 -3.79 -5.11 10.07
N ARG A 55 -4.00 -5.36 8.78
CA ARG A 55 -4.91 -6.41 8.34
C ARG A 55 -4.28 -7.79 8.49
N GLY A 56 -2.95 -7.83 8.42
CA GLY A 56 -2.24 -9.09 8.56
C GLY A 56 -2.19 -9.87 7.26
N LEU A 57 -2.42 -9.18 6.14
CA LEU A 57 -2.40 -9.81 4.83
C LEU A 57 -1.14 -9.40 4.05
N ALA A 58 -0.58 -8.26 4.41
CA ALA A 58 0.62 -7.76 3.74
C ALA A 58 1.63 -7.26 4.76
N ARG A 59 2.91 -7.34 4.40
CA ARG A 59 3.99 -6.89 5.28
C ARG A 59 5.00 -6.04 4.52
N MET A 60 5.51 -5.00 5.19
CA MET A 60 6.48 -4.11 4.57
C MET A 60 7.69 -4.88 4.08
N GLN A 61 8.08 -4.64 2.84
CA GLN A 61 9.23 -5.31 2.25
C GLN A 61 10.46 -5.15 3.12
N PRO A 1 -12.26 15.60 17.31
CA PRO A 1 -11.11 14.89 16.75
C PRO A 1 -10.74 13.66 17.56
N ASP A 2 -9.60 13.06 17.22
CA ASP A 2 -9.12 11.87 17.93
C ASP A 2 -7.63 11.66 17.70
N THR A 3 -7.19 11.89 16.47
CA THR A 3 -5.78 11.72 16.12
C THR A 3 -5.14 13.07 15.76
N VAL A 4 -5.77 13.79 14.84
CA VAL A 4 -5.26 15.08 14.40
C VAL A 4 -3.85 14.96 13.83
N ILE A 5 -3.67 14.00 12.94
CA ILE A 5 -2.36 13.78 12.32
C ILE A 5 -2.49 13.70 10.80
N LEU A 6 -1.70 14.51 10.11
CA LEU A 6 -1.72 14.54 8.65
C LEU A 6 -0.38 14.07 8.08
N ASP A 7 -0.40 12.92 7.42
CA ASP A 7 0.81 12.36 6.83
C ASP A 7 0.56 11.94 5.39
N THR A 8 0.82 12.84 4.46
CA THR A 8 0.63 12.56 3.04
C THR A 8 1.94 12.63 2.28
N SER A 9 1.91 12.21 1.01
CA SER A 9 3.10 12.22 0.18
C SER A 9 4.23 11.41 0.82
N GLU A 10 3.93 10.16 1.15
CA GLU A 10 4.92 9.29 1.77
C GLU A 10 4.76 7.85 1.29
N LEU A 11 5.28 7.58 0.10
CA LEU A 11 5.19 6.23 -0.48
C LEU A 11 5.91 5.22 0.39
N VAL A 12 5.38 4.01 0.44
CA VAL A 12 5.98 2.93 1.22
C VAL A 12 5.91 1.60 0.49
N THR A 13 7.02 0.85 0.53
CA THR A 13 7.08 -0.44 -0.14
C THR A 13 6.50 -1.54 0.74
N VAL A 14 5.53 -2.28 0.21
CA VAL A 14 4.88 -3.36 0.94
C VAL A 14 4.51 -4.50 0.01
N VAL A 15 4.83 -5.72 0.42
CA VAL A 15 4.52 -6.91 -0.38
C VAL A 15 3.42 -7.74 0.28
N ALA A 16 2.43 -8.13 -0.51
CA ALA A 16 1.32 -8.94 0.00
C ALA A 16 1.78 -10.35 0.33
N LEU A 17 1.18 -10.94 1.35
CA LEU A 17 1.52 -12.30 1.77
C LEU A 17 0.49 -13.30 1.27
N VAL A 18 -0.73 -12.83 1.03
CA VAL A 18 -1.81 -13.68 0.55
C VAL A 18 -2.63 -12.97 -0.52
N LYS A 19 -3.29 -13.76 -1.37
CA LYS A 19 -4.12 -13.21 -2.43
C LYS A 19 -5.12 -12.21 -1.88
N LEU A 20 -4.84 -10.92 -2.09
CA LEU A 20 -5.72 -9.86 -1.62
C LEU A 20 -5.84 -8.75 -2.66
N HIS A 21 -7.05 -8.22 -2.79
CA HIS A 21 -7.30 -7.14 -3.75
C HIS A 21 -7.18 -5.77 -3.09
N THR A 22 -6.09 -5.08 -3.36
CA THR A 22 -5.85 -3.76 -2.79
C THR A 22 -5.93 -2.67 -3.86
N ASP A 23 -6.44 -1.51 -3.48
CA ASP A 23 -6.56 -0.39 -4.40
C ASP A 23 -5.59 0.73 -4.04
N ALA A 24 -4.38 0.66 -4.57
CA ALA A 24 -3.36 1.67 -4.31
C ALA A 24 -2.67 2.11 -5.59
N LEU A 25 -2.89 3.36 -5.98
CA LEU A 25 -2.29 3.91 -7.19
C LEU A 25 -0.94 4.53 -6.88
N HIS A 26 0.02 4.32 -7.78
CA HIS A 26 1.37 4.87 -7.62
C HIS A 26 1.33 6.40 -7.63
N ALA A 27 1.87 7.00 -6.58
CA ALA A 27 1.91 8.46 -6.47
C ALA A 27 3.14 9.03 -7.16
N THR A 28 4.30 8.42 -6.90
CA THR A 28 5.54 8.86 -7.48
C THR A 28 5.73 8.28 -8.89
N ARG A 29 5.42 7.00 -9.04
CA ARG A 29 5.54 6.34 -10.33
C ARG A 29 4.21 6.31 -11.06
N ASP A 30 4.20 5.66 -12.22
CA ASP A 30 2.98 5.55 -13.02
C ASP A 30 2.55 4.10 -13.19
N GLU A 31 1.90 3.56 -12.16
CA GLU A 31 1.44 2.18 -12.18
C GLU A 31 0.42 1.93 -11.08
N PRO A 32 -0.87 1.88 -11.46
CA PRO A 32 -1.97 1.64 -10.51
C PRO A 32 -1.97 0.21 -9.97
N VAL A 33 -2.82 -0.04 -8.99
CA VAL A 33 -2.92 -1.36 -8.38
C VAL A 33 -4.36 -1.67 -7.99
N ALA A 34 -4.87 -2.80 -8.47
CA ALA A 34 -6.24 -3.21 -8.17
C ALA A 34 -6.25 -4.56 -7.47
N PHE A 35 -5.18 -5.34 -7.65
CA PHE A 35 -5.08 -6.65 -7.04
C PHE A 35 -3.61 -7.10 -6.95
N VAL A 36 -3.20 -7.53 -5.76
CA VAL A 36 -1.83 -7.99 -5.55
C VAL A 36 -1.79 -9.48 -5.24
N LEU A 37 -0.63 -10.09 -5.46
CA LEU A 37 -0.47 -11.51 -5.19
C LEU A 37 0.53 -11.73 -4.06
N PRO A 38 0.50 -12.95 -3.48
CA PRO A 38 1.40 -13.32 -2.38
C PRO A 38 2.85 -13.45 -2.82
N GLY A 39 3.57 -12.33 -2.84
CA GLY A 39 4.96 -12.33 -3.25
C GLY A 39 5.33 -11.12 -4.06
N THR A 40 4.34 -10.30 -4.38
CA THR A 40 4.57 -9.09 -5.16
C THR A 40 4.69 -7.86 -4.27
N ALA A 41 5.69 -7.02 -4.54
CA ALA A 41 5.91 -5.81 -3.76
C ALA A 41 5.26 -4.60 -4.43
N PHE A 42 4.26 -4.03 -3.77
CA PHE A 42 3.55 -2.87 -4.30
C PHE A 42 3.71 -1.67 -3.36
N ARG A 43 3.99 -0.51 -3.94
CA ARG A 43 4.16 0.72 -3.16
C ARG A 43 2.82 1.38 -2.90
N VAL A 44 2.61 1.80 -1.65
CA VAL A 44 1.37 2.46 -1.26
C VAL A 44 1.63 3.68 -0.40
N SER A 45 0.57 4.42 -0.08
CA SER A 45 0.69 5.62 0.75
C SER A 45 1.08 5.26 2.18
N ALA A 46 1.65 6.22 2.89
CA ALA A 46 2.06 6.01 4.26
C ALA A 46 0.89 5.64 5.15
N GLY A 47 -0.28 6.18 4.83
CA GLY A 47 -1.48 5.88 5.60
C GLY A 47 -2.10 4.56 5.23
N VAL A 48 -2.04 4.22 3.94
CA VAL A 48 -2.60 2.97 3.45
C VAL A 48 -1.87 1.77 4.05
N ALA A 49 -0.55 1.78 3.96
CA ALA A 49 0.26 0.70 4.50
C ALA A 49 -0.11 0.39 5.95
N ALA A 50 -0.43 1.44 6.70
CA ALA A 50 -0.81 1.28 8.10
C ALA A 50 -1.91 0.24 8.26
N GLU A 51 -2.89 0.29 7.37
CA GLU A 51 -4.01 -0.63 7.41
C GLU A 51 -3.60 -2.01 6.88
N MET A 52 -2.86 -2.01 5.77
CA MET A 52 -2.40 -3.25 5.16
C MET A 52 -1.70 -4.13 6.19
N THR A 53 -0.69 -3.57 6.85
CA THR A 53 0.07 -4.30 7.85
C THR A 53 -0.80 -4.64 9.06
N GLU A 54 -1.79 -3.80 9.32
CA GLU A 54 -2.70 -4.02 10.45
C GLU A 54 -3.68 -5.14 10.15
N ARG A 55 -3.90 -5.40 8.86
CA ARG A 55 -4.82 -6.46 8.44
C ARG A 55 -4.16 -7.82 8.55
N GLY A 56 -2.83 -7.84 8.46
CA GLY A 56 -2.10 -9.10 8.55
C GLY A 56 -2.09 -9.85 7.24
N LEU A 57 -2.38 -9.15 6.15
CA LEU A 57 -2.40 -9.75 4.82
C LEU A 57 -1.16 -9.36 4.03
N ALA A 58 -0.57 -8.22 4.39
CA ALA A 58 0.63 -7.73 3.71
C ALA A 58 1.68 -7.27 4.71
N ARG A 59 2.95 -7.37 4.32
CA ARG A 59 4.04 -6.96 5.18
C ARG A 59 5.03 -6.06 4.44
N MET A 60 5.56 -5.06 5.13
CA MET A 60 6.51 -4.14 4.53
C MET A 60 7.80 -4.86 4.13
N GLN A 61 8.23 -4.66 2.89
CA GLN A 61 9.44 -5.29 2.38
C GLN A 61 10.68 -4.70 3.06
N PRO A 1 14.49 22.63 -10.35
CA PRO A 1 14.39 21.24 -9.90
C PRO A 1 15.70 20.48 -10.08
N ASP A 2 15.98 19.55 -9.16
CA ASP A 2 17.19 18.76 -9.22
C ASP A 2 17.06 17.49 -8.39
N THR A 3 15.82 17.05 -8.19
CA THR A 3 15.56 15.85 -7.40
C THR A 3 14.93 14.76 -8.26
N VAL A 4 14.02 15.16 -9.13
CA VAL A 4 13.35 14.20 -10.02
C VAL A 4 12.64 13.12 -9.22
N ILE A 5 11.67 13.53 -8.41
CA ILE A 5 10.91 12.58 -7.59
C ILE A 5 9.48 13.07 -7.38
N LEU A 6 8.53 12.14 -7.51
CA LEU A 6 7.12 12.48 -7.34
C LEU A 6 6.57 11.86 -6.06
N ASP A 7 6.58 12.65 -4.98
CA ASP A 7 6.08 12.18 -3.70
C ASP A 7 5.08 13.18 -3.11
N THR A 8 3.82 12.77 -3.02
CA THR A 8 2.78 13.63 -2.47
C THR A 8 2.76 13.59 -0.95
N SER A 9 3.69 12.83 -0.37
CA SER A 9 3.78 12.70 1.07
C SER A 9 4.93 11.77 1.46
N GLU A 10 4.70 10.47 1.35
CA GLU A 10 5.72 9.48 1.69
C GLU A 10 5.25 8.07 1.35
N LEU A 11 5.71 7.56 0.22
CA LEU A 11 5.33 6.21 -0.23
C LEU A 11 6.05 5.15 0.59
N VAL A 12 5.40 4.02 0.80
CA VAL A 12 5.98 2.91 1.55
C VAL A 12 5.94 1.61 0.77
N THR A 13 7.05 0.88 0.79
CA THR A 13 7.14 -0.39 0.07
C THR A 13 6.56 -1.53 0.89
N VAL A 14 5.51 -2.16 0.37
CA VAL A 14 4.86 -3.27 1.05
C VAL A 14 4.52 -4.39 0.08
N VAL A 15 4.85 -5.63 0.47
CA VAL A 15 4.59 -6.78 -0.37
C VAL A 15 3.52 -7.68 0.26
N ALA A 16 2.52 -8.04 -0.53
CA ALA A 16 1.43 -8.90 -0.05
C ALA A 16 1.94 -10.30 0.24
N LEU A 17 1.32 -10.96 1.22
CA LEU A 17 1.70 -12.31 1.60
C LEU A 17 0.67 -13.33 1.12
N VAL A 18 -0.49 -12.83 0.69
CA VAL A 18 -1.56 -13.69 0.21
C VAL A 18 -2.45 -12.96 -0.79
N LYS A 19 -3.18 -13.73 -1.59
CA LYS A 19 -4.07 -13.15 -2.59
C LYS A 19 -5.03 -12.14 -1.96
N LEU A 20 -4.76 -10.87 -2.19
CA LEU A 20 -5.60 -9.80 -1.65
C LEU A 20 -5.84 -8.71 -2.68
N HIS A 21 -7.03 -8.13 -2.66
CA HIS A 21 -7.38 -7.07 -3.60
C HIS A 21 -7.21 -5.70 -2.96
N THR A 22 -6.13 -5.00 -3.34
CA THR A 22 -5.85 -3.68 -2.79
C THR A 22 -5.95 -2.61 -3.88
N ASP A 23 -6.47 -1.44 -3.51
CA ASP A 23 -6.61 -0.34 -4.45
C ASP A 23 -5.59 0.75 -4.17
N ALA A 24 -4.42 0.63 -4.78
CA ALA A 24 -3.35 1.60 -4.59
C ALA A 24 -3.03 2.32 -5.91
N LEU A 25 -2.07 3.24 -5.84
CA LEU A 25 -1.67 4.00 -7.03
C LEU A 25 -0.21 4.45 -6.92
N HIS A 26 0.57 4.20 -7.96
CA HIS A 26 1.97 4.58 -7.99
C HIS A 26 2.13 6.10 -8.00
N ALA A 27 2.78 6.63 -6.97
CA ALA A 27 3.00 8.06 -6.86
C ALA A 27 4.24 8.50 -7.63
N THR A 28 5.34 7.76 -7.45
CA THR A 28 6.59 8.06 -8.12
C THR A 28 6.59 7.54 -9.56
N ARG A 29 5.80 6.49 -9.79
CA ARG A 29 5.71 5.88 -11.12
C ARG A 29 4.29 5.99 -11.66
N ASP A 30 4.07 5.41 -12.83
CA ASP A 30 2.75 5.43 -13.47
C ASP A 30 2.20 4.02 -13.63
N GLU A 31 1.64 3.48 -12.55
CA GLU A 31 1.07 2.14 -12.57
C GLU A 31 0.17 1.91 -11.37
N PRO A 32 -1.15 1.93 -11.60
CA PRO A 32 -2.15 1.74 -10.54
C PRO A 32 -2.17 0.29 -10.04
N VAL A 33 -2.81 0.09 -8.88
CA VAL A 33 -2.90 -1.24 -8.29
C VAL A 33 -4.34 -1.57 -7.92
N ALA A 34 -4.80 -2.74 -8.32
CA ALA A 34 -6.16 -3.19 -8.02
C ALA A 34 -6.15 -4.47 -7.21
N PHE A 35 -5.17 -5.33 -7.47
CA PHE A 35 -5.06 -6.60 -6.75
C PHE A 35 -3.60 -7.05 -6.70
N VAL A 36 -3.13 -7.37 -5.50
CA VAL A 36 -1.76 -7.81 -5.31
C VAL A 36 -1.72 -9.30 -4.97
N LEU A 37 -0.61 -9.95 -5.32
CA LEU A 37 -0.44 -11.37 -5.05
C LEU A 37 0.67 -11.61 -4.04
N PRO A 38 0.73 -12.84 -3.48
CA PRO A 38 1.74 -13.22 -2.50
C PRO A 38 3.13 -13.32 -3.10
N GLY A 39 3.88 -12.22 -3.05
CA GLY A 39 5.22 -12.20 -3.60
C GLY A 39 5.50 -10.97 -4.41
N THR A 40 4.52 -10.07 -4.49
CA THR A 40 4.67 -8.84 -5.25
C THR A 40 4.81 -7.64 -4.32
N ALA A 41 5.77 -6.77 -4.63
CA ALA A 41 6.01 -5.57 -3.82
C ALA A 41 5.34 -4.35 -4.45
N PHE A 42 4.38 -3.78 -3.73
CA PHE A 42 3.66 -2.61 -4.22
C PHE A 42 3.79 -1.45 -3.24
N ARG A 43 4.04 -0.26 -3.77
CA ARG A 43 4.20 0.94 -2.95
C ARG A 43 2.85 1.60 -2.69
N VAL A 44 2.59 1.95 -1.43
CA VAL A 44 1.34 2.59 -1.05
C VAL A 44 1.58 3.77 -0.13
N SER A 45 0.52 4.52 0.17
CA SER A 45 0.62 5.68 1.05
C SER A 45 0.90 5.25 2.48
N ALA A 46 1.68 6.06 3.20
CA ALA A 46 2.02 5.77 4.58
C ALA A 46 0.77 5.48 5.41
N GLY A 47 -0.34 6.10 5.03
CA GLY A 47 -1.59 5.89 5.74
C GLY A 47 -2.28 4.61 5.35
N VAL A 48 -2.06 4.18 4.11
CA VAL A 48 -2.66 2.95 3.60
C VAL A 48 -1.96 1.71 4.16
N ALA A 49 -0.63 1.72 4.10
CA ALA A 49 0.16 0.61 4.60
C ALA A 49 -0.23 0.25 6.04
N ALA A 50 -0.55 1.27 6.83
CA ALA A 50 -0.94 1.07 8.22
C ALA A 50 -2.06 0.03 8.32
N GLU A 51 -3.03 0.14 7.42
CA GLU A 51 -4.16 -0.79 7.42
C GLU A 51 -3.75 -2.14 6.84
N MET A 52 -2.99 -2.12 5.75
CA MET A 52 -2.53 -3.34 5.11
C MET A 52 -1.84 -4.25 6.11
N THR A 53 -0.84 -3.72 6.80
CA THR A 53 -0.09 -4.49 7.79
C THR A 53 -0.98 -4.89 8.96
N GLU A 54 -1.97 -4.05 9.26
CA GLU A 54 -2.89 -4.31 10.36
C GLU A 54 -3.87 -5.42 9.99
N ARG A 55 -4.07 -5.62 8.68
CA ARG A 55 -4.99 -6.64 8.21
C ARG A 55 -4.36 -8.03 8.32
N GLY A 56 -3.03 -8.08 8.28
CA GLY A 56 -2.34 -9.35 8.37
C GLY A 56 -2.29 -10.10 7.06
N LEU A 57 -2.40 -9.36 5.96
CA LEU A 57 -2.37 -9.95 4.63
C LEU A 57 -1.13 -9.52 3.86
N ALA A 58 -0.59 -8.36 4.22
CA ALA A 58 0.61 -7.83 3.58
C ALA A 58 1.63 -7.36 4.60
N ARG A 59 2.91 -7.44 4.24
CA ARG A 59 3.98 -7.02 5.13
C ARG A 59 4.98 -6.12 4.39
N MET A 60 5.55 -5.18 5.13
CA MET A 60 6.53 -4.25 4.54
C MET A 60 7.72 -5.01 3.98
N GLN A 61 8.18 -4.59 2.80
CA GLN A 61 9.32 -5.24 2.15
C GLN A 61 10.58 -5.08 2.99
#